data_5ZYT
#
_entry.id   5ZYT
#
_cell.length_a   146.497
_cell.length_b   77.489
_cell.length_c   164.714
_cell.angle_alpha   90.00
_cell.angle_beta   112.40
_cell.angle_gamma   90.00
#
_symmetry.space_group_name_H-M   'C 1 2 1'
#
loop_
_entity.id
_entity.type
_entity.pdbx_description
1 polymer 'Mitochondrial genome maintenance exonuclease 1'
2 polymer "DNA (5'-D(P*CP*TP*TP*CP*TP*TP*CP*C)-3')"
#
loop_
_entity_poly.entity_id
_entity_poly.type
_entity_poly.pdbx_seq_one_letter_code
_entity_poly.pdbx_strand_id
1 'polypeptide(L)'
;ESAALVAFSTSSYSCGRKKKVNPYEEVDQEKYSNLVQSVLSSRGVAQTPGSVEEDALLCGPVSKHKLPNQGEDRRVPQNW
FPIFNPERSDKPNASDPSVPLKIPLQRNVIPSVTRVLQQTMTKQQVFLLERWKQRMILELGEDGFKEYTSNVFLQGKRFH
EALESILSPQETLKERDENLLKSGYIESVQHILKDVSGVRALESAVQHETLNYIGLLDCVAEYQGKLCVIDWKTSEKPKP
FIQSTFDNPLQVVAYMGAMNHDTNYSFQVQCGLIVVAYKDGSPAHPHFMDAELCSQYWTKWLLRLEEYTEKKKNQNIQKP
EYSE
;
A,B,C,D
2 'polydeoxyribonucleotide' (DG)(DG)(DA)(DT)(DC)(DC)(DT)(DT)(DC)(DT)(DT)(DC)(DT)(DT)(DC)(DT)(DT)(DC) E,F,G,H
#
loop_
_chem_comp.id
_chem_comp.type
_chem_comp.name
_chem_comp.formula
DA DNA linking 2'-DEOXYADENOSINE-5'-MONOPHOSPHATE 'C10 H14 N5 O6 P'
DC DNA linking 2'-DEOXYCYTIDINE-5'-MONOPHOSPHATE 'C9 H14 N3 O7 P'
DG DNA linking 2'-DEOXYGUANOSINE-5'-MONOPHOSPHATE 'C10 H14 N5 O7 P'
DT DNA linking THYMIDINE-5'-MONOPHOSPHATE 'C10 H15 N2 O8 P'
#
# COMPACT_ATOMS: atom_id res chain seq x y z
N VAL A 76 -25.38 -36.14 24.97
CA VAL A 76 -25.94 -34.86 25.39
C VAL A 76 -26.33 -33.96 24.19
N PRO A 77 -25.42 -33.70 23.22
CA PRO A 77 -25.79 -32.80 22.12
C PRO A 77 -26.94 -33.37 21.33
N GLN A 78 -27.81 -32.47 20.86
CA GLN A 78 -29.07 -32.81 20.16
C GLN A 78 -29.09 -32.64 18.66
N ASN A 79 -28.15 -31.90 18.18
CA ASN A 79 -28.01 -31.66 16.76
C ASN A 79 -26.52 -31.89 16.51
N TRP A 80 -26.14 -32.70 15.52
CA TRP A 80 -24.75 -33.09 15.35
C TRP A 80 -24.38 -32.91 13.89
N PHE A 81 -23.19 -32.35 13.65
CA PHE A 81 -22.57 -32.18 12.34
C PHE A 81 -21.18 -32.80 12.37
N PRO A 82 -20.65 -33.24 11.24
CA PRO A 82 -19.34 -33.92 11.25
C PRO A 82 -18.19 -32.94 11.31
N ILE A 83 -17.16 -33.29 12.08
CA ILE A 83 -15.97 -32.44 12.08
C ILE A 83 -15.14 -32.66 10.82
N PHE A 84 -15.14 -33.88 10.30
CA PHE A 84 -14.42 -34.24 9.08
C PHE A 84 -15.37 -34.23 7.89
N ASN A 85 -14.78 -34.14 6.70
CA ASN A 85 -15.54 -33.96 5.46
C ASN A 85 -15.53 -35.27 4.67
N PRO A 86 -16.68 -35.94 4.49
CA PRO A 86 -16.69 -37.21 3.76
C PRO A 86 -16.29 -37.09 2.29
N GLU A 87 -16.26 -35.88 1.74
CA GLU A 87 -15.77 -35.70 0.38
C GLU A 87 -14.25 -35.80 0.33
N ARG A 88 -13.56 -35.22 1.32
CA ARG A 88 -12.11 -35.17 1.31
C ARG A 88 -11.51 -35.83 2.56
N PRO A 100 -0.61 -20.96 0.19
CA PRO A 100 -0.49 -19.79 1.09
C PRO A 100 -1.80 -19.01 1.34
N LEU A 101 -2.89 -19.68 1.73
CA LEU A 101 -4.18 -19.01 1.99
C LEU A 101 -4.09 -17.94 3.07
N LYS A 102 -4.63 -16.75 2.77
CA LYS A 102 -4.72 -15.64 3.70
C LYS A 102 -6.05 -14.91 3.43
N ILE A 103 -7.16 -15.63 3.66
CA ILE A 103 -8.51 -15.09 3.40
C ILE A 103 -8.85 -14.04 4.46
N PRO A 104 -9.32 -12.85 4.09
CA PRO A 104 -9.68 -11.86 5.11
C PRO A 104 -11.07 -12.12 5.70
N LEU A 105 -11.24 -11.68 6.95
CA LEU A 105 -12.52 -11.88 7.66
C LEU A 105 -13.71 -11.31 6.91
N GLN A 106 -13.56 -10.12 6.31
CA GLN A 106 -14.73 -9.42 5.80
C GLN A 106 -15.30 -10.05 4.52
N ARG A 107 -14.53 -10.89 3.82
CA ARG A 107 -15.05 -11.61 2.65
C ARG A 107 -16.33 -12.36 2.99
N ASN A 108 -16.42 -12.89 4.21
CA ASN A 108 -17.56 -13.69 4.61
C ASN A 108 -18.64 -12.90 5.35
N VAL A 109 -18.43 -11.61 5.59
CA VAL A 109 -19.47 -10.84 6.25
C VAL A 109 -20.62 -10.61 5.30
N ILE A 110 -21.82 -10.61 5.89
CA ILE A 110 -23.05 -10.32 5.16
C ILE A 110 -22.95 -8.86 4.73
N PRO A 111 -23.02 -8.56 3.43
CA PRO A 111 -22.87 -7.16 2.99
C PRO A 111 -24.07 -6.31 3.39
N SER A 112 -23.86 -5.00 3.37
CA SER A 112 -24.92 -4.08 3.76
C SER A 112 -25.62 -3.52 2.53
N VAL A 113 -26.82 -2.99 2.74
CA VAL A 113 -27.64 -2.50 1.63
C VAL A 113 -26.94 -1.37 0.91
N THR A 114 -26.38 -0.42 1.66
CA THR A 114 -25.76 0.74 1.03
C THR A 114 -24.57 0.32 0.18
N ARG A 115 -23.67 -0.49 0.74
CA ARG A 115 -22.46 -0.78 -0.02
C ARG A 115 -22.76 -1.62 -1.26
N VAL A 116 -23.66 -2.62 -1.14
CA VAL A 116 -24.12 -3.35 -2.32
C VAL A 116 -24.45 -2.35 -3.43
N LEU A 117 -25.12 -1.27 -3.08
CA LEU A 117 -25.46 -0.24 -4.07
C LEU A 117 -24.23 0.55 -4.52
N GLN A 118 -23.24 0.77 -3.65
CA GLN A 118 -22.07 1.57 -4.02
C GLN A 118 -21.05 0.81 -4.84
N GLN A 119 -21.07 -0.52 -4.77
CA GLN A 119 -20.21 -1.34 -5.60
C GLN A 119 -20.95 -1.80 -6.86
N THR A 120 -22.11 -1.20 -7.16
CA THR A 120 -22.90 -1.50 -8.35
C THR A 120 -23.33 -0.24 -9.11
N MET A 121 -22.71 0.91 -8.83
CA MET A 121 -23.06 2.15 -9.50
C MET A 121 -22.71 2.10 -10.98
N THR A 122 -23.51 2.80 -11.79
CA THR A 122 -23.27 2.83 -13.23
C THR A 122 -22.00 3.62 -13.55
N LYS A 123 -21.47 3.36 -14.75
CA LYS A 123 -20.29 4.08 -15.17
C LYS A 123 -20.51 5.59 -15.13
N GLN A 124 -21.72 6.04 -15.49
CA GLN A 124 -22.04 7.47 -15.49
C GLN A 124 -22.27 8.02 -14.09
N GLN A 125 -22.74 7.20 -13.17
CA GLN A 125 -22.98 7.69 -11.83
C GLN A 125 -21.66 7.89 -11.08
N VAL A 126 -20.74 6.93 -11.20
CA VAL A 126 -19.44 7.12 -10.60
C VAL A 126 -18.73 8.31 -11.24
N PHE A 127 -18.94 8.48 -12.54
CA PHE A 127 -18.31 9.59 -13.26
C PHE A 127 -18.83 10.92 -12.76
N LEU A 128 -20.17 11.07 -12.66
CA LEU A 128 -20.76 12.35 -12.28
C LEU A 128 -20.36 12.78 -10.87
N LEU A 129 -20.27 11.82 -9.94
CA LEU A 129 -19.88 12.15 -8.57
C LEU A 129 -18.42 12.56 -8.48
N GLU A 130 -17.55 11.92 -9.26
CA GLU A 130 -16.12 12.23 -9.16
C GLU A 130 -15.83 13.61 -9.75
N ARG A 131 -16.45 13.92 -10.90
CA ARG A 131 -16.41 15.29 -11.39
C ARG A 131 -16.85 16.29 -10.32
N TRP A 132 -17.77 15.88 -9.44
CA TRP A 132 -18.24 16.78 -8.39
C TRP A 132 -17.22 16.90 -7.27
N LYS A 133 -16.62 15.78 -6.84
CA LYS A 133 -15.56 15.84 -5.83
C LYS A 133 -14.38 16.68 -6.30
N GLN A 134 -13.90 16.46 -7.53
CA GLN A 134 -12.73 17.23 -7.97
C GLN A 134 -13.09 18.68 -8.24
N ARG A 135 -14.29 18.96 -8.74
CA ARG A 135 -14.66 20.38 -8.87
C ARG A 135 -14.85 21.03 -7.51
N MET A 136 -15.16 20.23 -6.49
CA MET A 136 -15.27 20.76 -5.13
C MET A 136 -13.90 21.14 -4.56
N ILE A 137 -13.04 20.12 -4.38
CA ILE A 137 -11.68 20.32 -3.85
C ILE A 137 -10.97 21.51 -4.49
N LEU A 138 -11.31 21.85 -5.73
CA LEU A 138 -10.61 22.99 -6.35
C LEU A 138 -11.10 24.33 -5.78
N GLU A 139 -12.38 24.42 -5.41
CA GLU A 139 -12.94 25.63 -4.81
C GLU A 139 -12.61 25.78 -3.33
N LEU A 140 -12.33 24.67 -2.64
CA LEU A 140 -12.19 24.69 -1.18
C LEU A 140 -10.86 24.14 -0.67
N GLY A 141 -10.00 23.60 -1.53
CA GLY A 141 -8.77 22.97 -1.09
C GLY A 141 -9.02 21.58 -0.54
N GLU A 142 -7.94 20.81 -0.40
CA GLU A 142 -8.07 19.41 -0.01
C GLU A 142 -8.63 19.26 1.40
N ASP A 143 -8.35 20.23 2.28
CA ASP A 143 -8.80 20.24 3.68
C ASP A 143 -10.17 20.86 3.85
N GLY A 144 -10.44 21.99 3.19
CA GLY A 144 -11.75 22.61 3.32
C GLY A 144 -12.86 21.67 2.91
N PHE A 145 -12.69 20.95 1.81
CA PHE A 145 -13.65 19.94 1.44
C PHE A 145 -13.72 18.84 2.48
N LYS A 146 -12.57 18.51 3.10
CA LYS A 146 -12.52 17.40 4.04
C LYS A 146 -13.41 17.68 5.25
N GLU A 147 -13.54 18.95 5.64
CA GLU A 147 -14.44 19.29 6.71
C GLU A 147 -15.82 19.68 6.22
N TYR A 148 -15.95 20.20 4.99
CA TYR A 148 -17.25 20.24 4.34
C TYR A 148 -17.93 18.88 4.42
N THR A 149 -17.18 17.81 4.15
CA THR A 149 -17.73 16.47 4.33
C THR A 149 -18.12 16.20 5.79
N SER A 150 -17.35 16.73 6.75
CA SER A 150 -17.66 16.46 8.16
C SER A 150 -18.98 17.08 8.58
N ASN A 151 -19.24 18.32 8.17
CA ASN A 151 -20.47 18.94 8.63
C ASN A 151 -21.68 18.39 7.90
N VAL A 152 -21.54 18.00 6.63
CA VAL A 152 -22.64 17.32 5.95
C VAL A 152 -23.03 16.05 6.70
N PHE A 153 -22.05 15.19 6.99
CA PHE A 153 -22.33 14.00 7.76
C PHE A 153 -22.91 14.33 9.13
N LEU A 154 -22.36 15.33 9.82
CA LEU A 154 -22.86 15.65 11.16
C LEU A 154 -24.26 16.22 11.09
N GLN A 155 -24.48 17.16 10.16
CA GLN A 155 -25.83 17.71 9.98
C GLN A 155 -26.82 16.59 9.74
N GLY A 156 -26.43 15.59 8.95
CA GLY A 156 -27.28 14.42 8.82
C GLY A 156 -27.46 13.72 10.15
N LYS A 157 -26.35 13.52 10.89
CA LYS A 157 -26.40 12.85 12.19
C LYS A 157 -27.40 13.52 13.13
N ARG A 158 -27.23 14.81 13.37
CA ARG A 158 -28.13 15.50 14.30
C ARG A 158 -29.59 15.45 13.84
N PHE A 159 -29.83 15.45 12.53
CA PHE A 159 -31.21 15.35 12.05
C PHE A 159 -31.83 14.03 12.50
N HIS A 160 -31.10 12.93 12.34
CA HIS A 160 -31.65 11.64 12.73
C HIS A 160 -31.69 11.49 14.25
N GLU A 161 -30.76 12.12 14.98
CA GLU A 161 -30.90 12.13 16.43
C GLU A 161 -32.15 12.91 16.81
N ALA A 162 -32.40 14.00 16.10
CA ALA A 162 -33.61 14.76 16.32
C ALA A 162 -34.85 13.91 16.07
N LEU A 163 -34.87 13.13 14.98
CA LEU A 163 -36.13 12.45 14.71
C LEU A 163 -36.35 11.29 15.66
N GLU A 164 -35.29 10.73 16.25
CA GLU A 164 -35.42 9.67 17.24
C GLU A 164 -35.95 10.20 18.56
N SER A 165 -35.54 11.41 18.94
CA SER A 165 -36.11 12.02 20.14
C SER A 165 -37.59 12.31 19.94
N ILE A 166 -37.97 12.78 18.76
CA ILE A 166 -39.36 13.16 18.59
C ILE A 166 -40.25 11.94 18.36
N LEU A 167 -39.72 10.88 17.76
CA LEU A 167 -40.48 9.63 17.56
C LEU A 167 -40.22 8.54 18.61
N SER A 168 -39.37 8.74 19.59
CA SER A 168 -39.38 7.82 20.72
C SER A 168 -40.59 8.14 21.58
N PRO A 169 -41.47 7.16 21.88
CA PRO A 169 -42.71 7.34 22.66
C PRO A 169 -42.45 7.48 24.16
N ASN A 179 -32.31 23.37 21.05
CA ASN A 179 -33.69 23.42 20.58
C ASN A 179 -33.90 22.70 19.25
N LEU A 180 -34.57 21.54 19.25
CA LEU A 180 -34.75 20.81 18.00
C LEU A 180 -35.66 21.53 17.01
N LEU A 181 -36.64 22.30 17.49
CA LEU A 181 -37.52 23.01 16.56
C LEU A 181 -36.87 24.23 15.90
N LYS A 182 -35.65 24.59 16.28
CA LYS A 182 -34.88 25.63 15.59
C LYS A 182 -33.96 25.08 14.50
N SER A 183 -33.95 23.77 14.29
CA SER A 183 -33.16 23.19 13.21
C SER A 183 -33.87 23.46 11.90
N GLY A 184 -33.13 23.96 10.91
CA GLY A 184 -33.72 24.14 9.60
C GLY A 184 -34.29 22.85 9.05
N TYR A 185 -33.60 21.73 9.26
CA TYR A 185 -34.13 20.49 8.74
C TYR A 185 -35.43 20.10 9.44
N ILE A 186 -35.54 20.35 10.75
CA ILE A 186 -36.79 20.01 11.44
C ILE A 186 -37.88 20.99 11.08
N GLU A 187 -37.54 22.28 11.00
CA GLU A 187 -38.47 23.26 10.45
C GLU A 187 -39.04 22.75 9.13
N SER A 188 -38.20 22.10 8.32
CA SER A 188 -38.57 21.71 6.97
C SER A 188 -39.46 20.47 6.93
N VAL A 189 -39.43 19.62 7.96
CA VAL A 189 -40.19 18.39 7.96
C VAL A 189 -41.40 18.47 8.87
N GLN A 190 -41.58 19.60 9.56
CA GLN A 190 -42.58 19.70 10.62
C GLN A 190 -43.96 19.32 10.11
N HIS A 191 -44.30 19.71 8.87
CA HIS A 191 -45.61 19.34 8.35
C HIS A 191 -45.70 17.84 8.14
N ILE A 192 -44.72 17.23 7.49
CA ILE A 192 -44.78 15.78 7.29
C ILE A 192 -44.81 15.07 8.63
N LEU A 193 -44.06 15.60 9.60
CA LEU A 193 -43.84 14.88 10.86
C LEU A 193 -45.13 14.80 11.68
N LYS A 194 -46.05 15.76 11.52
CA LYS A 194 -47.35 15.69 12.18
C LYS A 194 -48.27 14.63 11.57
N ASP A 195 -47.90 14.07 10.42
CA ASP A 195 -48.61 13.00 9.74
C ASP A 195 -48.12 11.62 10.13
N VAL A 196 -47.23 11.52 11.12
CA VAL A 196 -46.53 10.28 11.44
C VAL A 196 -46.97 9.80 12.82
N SER A 197 -47.44 8.55 12.89
CA SER A 197 -47.82 7.93 14.17
C SER A 197 -47.70 6.41 14.04
N GLY A 198 -47.96 5.71 15.14
CA GLY A 198 -47.87 4.28 15.10
C GLY A 198 -46.46 3.81 14.83
N VAL A 199 -45.47 4.37 15.51
CA VAL A 199 -44.10 3.98 15.19
C VAL A 199 -43.83 2.54 15.64
N ARG A 200 -43.32 1.70 14.73
CA ARG A 200 -43.05 0.28 14.98
C ARG A 200 -41.56 -0.06 15.06
N ALA A 201 -40.67 0.80 14.53
CA ALA A 201 -39.23 0.62 14.65
C ALA A 201 -38.54 1.95 14.42
N LEU A 202 -37.46 2.20 15.15
CA LEU A 202 -36.59 3.34 14.91
C LEU A 202 -35.15 2.86 14.97
N GLU A 203 -34.39 3.20 13.92
CA GLU A 203 -32.97 2.87 13.82
C GLU A 203 -32.73 1.40 14.14
N SER A 204 -33.44 0.53 13.45
CA SER A 204 -33.47 -0.89 13.80
C SER A 204 -32.95 -1.73 12.64
N ALA A 205 -32.04 -2.65 12.96
CA ALA A 205 -31.35 -3.42 11.95
C ALA A 205 -32.22 -4.52 11.39
N VAL A 206 -31.99 -4.86 10.11
CA VAL A 206 -32.76 -5.86 9.39
C VAL A 206 -31.83 -6.77 8.63
N GLN A 207 -32.23 -8.05 8.55
CA GLN A 207 -31.44 -9.07 7.90
C GLN A 207 -32.31 -9.96 7.03
N HIS A 208 -31.83 -10.24 5.83
CA HIS A 208 -32.48 -11.19 4.95
C HIS A 208 -31.69 -12.49 5.03
N GLU A 209 -32.37 -13.59 5.34
CA GLU A 209 -31.67 -14.86 5.48
C GLU A 209 -31.43 -15.51 4.11
N THR A 210 -32.45 -15.50 3.24
CA THR A 210 -32.30 -16.14 1.94
C THR A 210 -31.53 -15.25 0.96
N LEU A 211 -31.68 -13.93 1.02
CA LEU A 211 -31.01 -13.05 0.08
C LEU A 211 -29.69 -12.52 0.61
N ASN A 212 -29.45 -12.68 1.91
CA ASN A 212 -28.13 -12.55 2.51
C ASN A 212 -27.58 -11.13 2.28
N TYR A 213 -28.23 -10.17 2.97
CA TYR A 213 -27.74 -8.80 3.12
C TYR A 213 -28.37 -8.19 4.36
N ILE A 214 -27.75 -7.12 4.88
CA ILE A 214 -28.25 -6.44 6.07
C ILE A 214 -28.51 -4.97 5.76
N GLY A 215 -29.21 -4.32 6.67
CA GLY A 215 -29.49 -2.89 6.55
C GLY A 215 -29.99 -2.36 7.87
N LEU A 216 -30.00 -1.03 7.95
CA LEU A 216 -30.45 -0.32 9.15
C LEU A 216 -31.56 0.65 8.79
N LEU A 217 -32.79 0.31 9.20
CA LEU A 217 -33.95 1.12 8.82
C LEU A 217 -34.02 2.37 9.66
N ASP A 218 -34.32 3.47 8.99
CA ASP A 218 -34.56 4.72 9.69
C ASP A 218 -35.76 4.56 10.63
N CYS A 219 -36.90 4.19 10.06
CA CYS A 219 -38.13 4.21 10.83
C CYS A 219 -39.24 3.51 10.05
N VAL A 220 -40.06 2.74 10.76
CA VAL A 220 -41.28 2.15 10.20
C VAL A 220 -42.45 2.74 10.97
N ALA A 221 -43.21 3.61 10.32
CA ALA A 221 -44.29 4.32 10.97
C ALA A 221 -45.44 4.47 10.00
N GLU A 222 -46.56 4.97 10.52
CA GLU A 222 -47.71 5.25 9.69
C GLU A 222 -47.61 6.69 9.21
N TYR A 223 -47.77 6.88 7.91
CA TYR A 223 -47.76 8.21 7.29
C TYR A 223 -49.12 8.39 6.64
N GLN A 224 -49.90 9.34 7.15
CA GLN A 224 -51.27 9.58 6.67
C GLN A 224 -52.02 8.26 6.50
N GLY A 225 -51.87 7.37 7.50
CA GLY A 225 -52.58 6.12 7.57
C GLY A 225 -51.90 4.91 6.95
N LYS A 226 -50.98 5.08 5.99
CA LYS A 226 -50.38 3.94 5.32
C LYS A 226 -49.08 3.56 6.01
N LEU A 227 -48.98 2.32 6.47
CA LEU A 227 -47.78 1.89 7.16
C LEU A 227 -46.66 1.70 6.14
N CYS A 228 -45.52 2.38 6.35
CA CYS A 228 -44.44 2.33 5.36
C CYS A 228 -43.05 2.36 6.00
N VAL A 229 -42.07 1.91 5.22
CA VAL A 229 -40.66 2.18 5.51
C VAL A 229 -40.37 3.62 5.11
N ILE A 230 -39.89 4.41 6.06
CA ILE A 230 -39.58 5.83 5.85
C ILE A 230 -38.08 6.01 5.90
N ASP A 231 -37.56 6.77 4.95
CA ASP A 231 -36.16 7.18 4.82
C ASP A 231 -36.08 8.70 4.88
N TRP A 232 -35.60 9.23 6.00
CA TRP A 232 -35.40 10.66 6.13
C TRP A 232 -34.00 11.03 5.62
N LYS A 233 -33.93 12.09 4.86
CA LYS A 233 -32.69 12.41 4.19
C LYS A 233 -32.54 13.93 4.17
N THR A 234 -31.34 14.41 4.47
CA THR A 234 -31.02 15.82 4.27
C THR A 234 -30.56 16.04 2.83
N SER A 235 -30.72 17.29 2.37
CA SER A 235 -30.27 17.70 1.04
C SER A 235 -30.07 19.22 1.00
N GLU A 236 -29.07 19.66 0.22
CA GLU A 236 -28.82 21.09 0.03
C GLU A 236 -29.44 21.63 -1.23
N LYS A 237 -29.65 20.76 -2.24
CA LYS A 237 -30.32 21.03 -3.51
C LYS A 237 -31.69 20.36 -3.50
N PRO A 238 -32.68 20.93 -4.17
CA PRO A 238 -34.05 20.41 -4.03
C PRO A 238 -34.15 19.10 -4.79
N LYS A 239 -34.96 18.18 -4.27
CA LYS A 239 -35.16 16.88 -4.89
C LYS A 239 -36.66 16.69 -5.07
N PRO A 240 -37.27 17.44 -6.01
CA PRO A 240 -38.75 17.45 -6.11
C PRO A 240 -39.35 16.19 -6.71
N PHE A 241 -38.61 15.43 -7.52
CA PHE A 241 -39.13 14.19 -8.06
C PHE A 241 -38.37 13.02 -7.46
N ILE A 242 -39.00 11.85 -7.48
CA ILE A 242 -38.37 10.72 -6.84
C ILE A 242 -37.11 10.34 -7.63
N GLN A 243 -37.10 10.59 -8.94
CA GLN A 243 -35.86 10.33 -9.67
C GLN A 243 -34.78 11.36 -9.35
N SER A 244 -35.10 12.39 -8.55
CA SER A 244 -34.06 13.25 -8.05
C SER A 244 -33.30 12.67 -6.86
N THR A 245 -33.82 11.62 -6.29
CA THR A 245 -33.24 11.00 -5.14
C THR A 245 -32.30 9.86 -5.45
N PHE A 246 -32.05 9.63 -6.72
CA PHE A 246 -31.13 8.58 -7.13
C PHE A 246 -31.51 7.21 -6.60
N ASP A 247 -30.62 6.64 -5.83
CA ASP A 247 -30.78 5.30 -5.29
C ASP A 247 -31.64 5.13 -4.05
N ASN A 248 -32.21 6.18 -3.53
CA ASN A 248 -33.02 6.09 -2.35
C ASN A 248 -34.21 5.18 -2.52
N PRO A 249 -34.86 5.12 -3.66
CA PRO A 249 -35.94 4.15 -3.86
C PRO A 249 -35.50 2.74 -3.58
N LEU A 250 -34.30 2.39 -4.07
CA LEU A 250 -33.86 1.01 -4.01
C LEU A 250 -33.38 0.61 -2.64
N GLN A 251 -32.84 1.53 -1.85
CA GLN A 251 -32.53 1.10 -0.50
C GLN A 251 -33.81 0.96 0.30
N VAL A 252 -34.79 1.85 0.08
CA VAL A 252 -36.08 1.76 0.78
C VAL A 252 -36.72 0.40 0.53
N VAL A 253 -36.75 -0.04 -0.72
CA VAL A 253 -37.36 -1.34 -1.02
C VAL A 253 -36.45 -2.45 -0.53
N ALA A 254 -35.14 -2.18 -0.45
CA ALA A 254 -34.24 -3.17 0.11
C ALA A 254 -34.49 -3.39 1.60
N TYR A 255 -34.80 -2.31 2.34
CA TYR A 255 -35.15 -2.42 3.76
C TYR A 255 -36.48 -3.11 3.95
N MET A 256 -37.42 -2.94 3.03
CA MET A 256 -38.75 -3.52 3.15
C MET A 256 -38.72 -5.02 3.08
N GLY A 257 -38.49 -5.53 1.86
CA GLY A 257 -38.51 -6.96 1.61
C GLY A 257 -37.56 -7.75 2.47
N ALA A 258 -36.55 -7.09 3.05
CA ALA A 258 -35.67 -7.78 3.98
C ALA A 258 -36.24 -7.85 5.38
N MET A 259 -37.16 -6.97 5.72
CA MET A 259 -37.72 -6.93 7.07
C MET A 259 -39.07 -7.66 7.12
N ASN A 260 -39.79 -7.68 5.98
CA ASN A 260 -40.87 -8.65 5.87
C ASN A 260 -40.40 -10.02 5.81
N HIS A 261 -39.14 -10.36 6.05
CA HIS A 261 -38.72 -11.73 6.28
C HIS A 261 -37.80 -11.86 7.47
N ASP A 262 -37.33 -10.76 8.02
CA ASP A 262 -36.49 -10.84 9.20
C ASP A 262 -37.31 -11.43 10.33
N THR A 263 -36.76 -12.44 11.00
CA THR A 263 -37.54 -13.15 12.00
C THR A 263 -37.87 -12.29 13.22
N ASN A 264 -37.17 -11.17 13.40
CA ASN A 264 -37.40 -10.32 14.55
C ASN A 264 -38.59 -9.38 14.39
N TYR A 265 -39.34 -9.47 13.29
CA TYR A 265 -40.50 -8.61 13.05
C TYR A 265 -41.73 -9.48 12.84
N SER A 266 -42.77 -9.28 13.64
CA SER A 266 -43.99 -10.05 13.47
C SER A 266 -44.85 -9.52 12.35
N PHE A 267 -44.60 -8.31 11.89
CA PHE A 267 -45.49 -7.63 10.96
C PHE A 267 -44.79 -7.43 9.61
N GLN A 268 -45.58 -7.09 8.59
CA GLN A 268 -45.06 -6.74 7.28
C GLN A 268 -45.47 -5.31 6.91
N VAL A 269 -44.79 -4.77 5.90
CA VAL A 269 -45.01 -3.43 5.35
C VAL A 269 -45.03 -3.52 3.83
N GLN A 270 -45.82 -2.64 3.20
CA GLN A 270 -45.97 -2.64 1.75
C GLN A 270 -45.88 -1.24 1.11
N CYS A 271 -45.38 -0.24 1.83
CA CYS A 271 -45.19 1.08 1.24
C CYS A 271 -43.85 1.65 1.68
N GLY A 272 -43.40 2.65 0.92
CA GLY A 272 -42.20 3.37 1.27
C GLY A 272 -42.43 4.86 1.18
N LEU A 273 -41.55 5.60 1.84
CA LEU A 273 -41.64 7.05 1.85
C LEU A 273 -40.22 7.60 2.00
N ILE A 274 -39.79 8.41 1.04
CA ILE A 274 -38.54 9.15 1.13
C ILE A 274 -38.92 10.59 1.48
N VAL A 275 -38.41 11.11 2.60
CA VAL A 275 -38.65 12.50 2.99
C VAL A 275 -37.33 13.28 2.91
N VAL A 276 -37.30 14.30 2.07
CA VAL A 276 -36.09 15.07 1.81
C VAL A 276 -36.19 16.40 2.53
N ALA A 277 -35.35 16.62 3.55
CA ALA A 277 -35.39 17.84 4.33
C ALA A 277 -34.25 18.78 3.94
N TYR A 278 -34.53 20.07 3.90
CA TYR A 278 -33.58 21.06 3.40
C TYR A 278 -33.13 22.02 4.49
N LYS A 279 -31.89 22.50 4.34
CA LYS A 279 -31.26 23.23 5.44
C LYS A 279 -31.92 24.58 5.67
N ASP A 280 -32.53 25.18 4.63
CA ASP A 280 -33.09 26.52 4.77
C ASP A 280 -34.46 26.54 5.41
N GLY A 281 -35.06 25.38 5.68
CA GLY A 281 -36.36 25.34 6.30
C GLY A 281 -37.55 25.29 5.37
N SER A 282 -37.36 25.43 4.06
CA SER A 282 -38.50 25.32 3.17
C SER A 282 -39.08 23.90 3.24
N PRO A 283 -40.36 23.75 2.97
CA PRO A 283 -41.04 22.47 3.22
C PRO A 283 -40.32 21.29 2.58
N ALA A 284 -40.42 20.14 3.24
CA ALA A 284 -39.80 18.92 2.75
C ALA A 284 -40.62 18.32 1.63
N HIS A 285 -39.95 17.52 0.78
CA HIS A 285 -40.62 16.84 -0.32
C HIS A 285 -40.90 15.39 0.05
N PRO A 286 -42.15 15.00 0.30
CA PRO A 286 -42.47 13.59 0.56
C PRO A 286 -42.51 12.85 -0.77
N HIS A 287 -41.78 11.75 -0.88
CA HIS A 287 -41.89 10.87 -2.04
C HIS A 287 -42.44 9.54 -1.55
N PHE A 288 -43.73 9.31 -1.80
CA PHE A 288 -44.45 8.13 -1.35
C PHE A 288 -44.38 7.06 -2.42
N MET A 289 -44.34 5.81 -1.97
CA MET A 289 -44.23 4.67 -2.87
C MET A 289 -45.23 3.55 -2.59
N ASP A 290 -46.30 3.51 -3.38
CA ASP A 290 -47.33 2.53 -3.10
C ASP A 290 -46.81 1.14 -3.44
N ALA A 291 -47.65 0.13 -3.15
CA ALA A 291 -47.20 -1.25 -3.24
C ALA A 291 -46.69 -1.57 -4.63
N GLU A 292 -47.38 -1.10 -5.67
CA GLU A 292 -46.90 -1.47 -7.00
C GLU A 292 -45.57 -0.81 -7.30
N LEU A 293 -45.36 0.43 -6.84
CA LEU A 293 -44.11 1.09 -7.19
C LEU A 293 -42.93 0.57 -6.36
N CYS A 294 -43.19 -0.01 -5.20
CA CYS A 294 -42.14 -0.72 -4.50
C CYS A 294 -41.82 -2.03 -5.18
N SER A 295 -42.82 -2.61 -5.85
CA SER A 295 -42.61 -3.86 -6.60
C SER A 295 -41.65 -3.65 -7.76
N GLN A 296 -41.78 -2.51 -8.45
CA GLN A 296 -40.96 -2.27 -9.62
C GLN A 296 -39.53 -1.91 -9.25
N TYR A 297 -39.33 -1.14 -8.17
CA TYR A 297 -37.99 -0.91 -7.65
C TYR A 297 -37.40 -2.18 -7.04
N TRP A 298 -38.24 -3.01 -6.42
CA TRP A 298 -37.71 -4.22 -5.83
C TRP A 298 -37.10 -5.08 -6.93
N THR A 299 -37.71 -5.06 -8.11
CA THR A 299 -37.11 -5.76 -9.24
C THR A 299 -35.74 -5.16 -9.57
N LYS A 300 -35.66 -3.82 -9.58
CA LYS A 300 -34.40 -3.15 -9.91
C LYS A 300 -33.37 -3.40 -8.82
N TRP A 301 -33.81 -3.64 -7.58
CA TRP A 301 -32.86 -3.91 -6.52
C TRP A 301 -32.34 -5.33 -6.59
N LEU A 302 -33.17 -6.29 -7.03
CA LEU A 302 -32.66 -7.65 -7.21
C LEU A 302 -31.61 -7.71 -8.31
N LEU A 303 -31.69 -6.82 -9.30
CA LEU A 303 -30.61 -6.76 -10.29
C LEU A 303 -29.33 -6.24 -9.67
N ARG A 304 -29.41 -5.25 -8.80
CA ARG A 304 -28.18 -4.72 -8.24
C ARG A 304 -27.59 -5.68 -7.22
N LEU A 305 -28.40 -6.58 -6.68
CA LEU A 305 -27.90 -7.60 -5.78
C LEU A 305 -27.16 -8.67 -6.56
N GLU A 306 -27.59 -8.95 -7.79
CA GLU A 306 -26.88 -9.97 -8.57
C GLU A 306 -25.56 -9.43 -9.09
N GLU A 307 -25.53 -8.15 -9.51
CA GLU A 307 -24.25 -7.56 -9.90
C GLU A 307 -23.24 -7.66 -8.78
N TYR A 308 -23.67 -7.42 -7.54
CA TYR A 308 -22.72 -7.47 -6.44
C TYR A 308 -22.19 -8.89 -6.26
N THR A 309 -23.08 -9.89 -6.26
CA THR A 309 -22.62 -11.28 -6.12
C THR A 309 -21.73 -11.69 -7.28
N GLU A 310 -21.97 -11.14 -8.47
CA GLU A 310 -21.08 -11.43 -9.60
C GLU A 310 -19.70 -10.82 -9.38
N LYS A 311 -19.64 -9.49 -9.29
CA LYS A 311 -18.37 -8.77 -9.19
C LYS A 311 -17.45 -9.34 -8.12
N LYS A 312 -18.03 -9.86 -7.01
CA LYS A 312 -17.22 -10.39 -5.91
C LYS A 312 -16.70 -11.78 -6.22
N LYS A 313 -17.50 -12.63 -6.89
CA LYS A 313 -17.11 -14.02 -7.02
C LYS A 313 -15.82 -14.15 -7.82
N ASN A 314 -15.69 -13.39 -8.91
CA ASN A 314 -14.43 -13.38 -9.66
C ASN A 314 -13.35 -12.66 -8.87
N GLN A 315 -13.66 -11.46 -8.36
CA GLN A 315 -12.70 -10.64 -7.63
C GLN A 315 -12.11 -11.38 -6.42
N VAL B 76 -33.68 -7.72 -16.55
CA VAL B 76 -34.50 -8.90 -16.51
C VAL B 76 -33.80 -9.96 -15.67
N PRO B 77 -34.11 -9.95 -14.40
CA PRO B 77 -33.51 -10.84 -13.43
C PRO B 77 -33.62 -12.29 -13.73
N GLN B 78 -32.63 -13.04 -13.29
CA GLN B 78 -32.59 -14.47 -13.49
C GLN B 78 -33.67 -15.16 -12.70
N ASN B 79 -33.98 -14.62 -11.52
CA ASN B 79 -35.01 -15.15 -10.66
C ASN B 79 -35.49 -14.11 -9.64
N TRP B 80 -36.78 -14.06 -9.32
CA TRP B 80 -37.26 -13.09 -8.32
C TRP B 80 -37.76 -13.73 -7.05
N PHE B 81 -37.35 -13.16 -5.92
CA PHE B 81 -37.73 -13.62 -4.57
C PHE B 81 -38.52 -12.56 -3.84
N PRO B 82 -39.81 -12.81 -3.69
CA PRO B 82 -40.83 -11.99 -3.05
C PRO B 82 -40.44 -10.98 -2.00
N ILE B 83 -41.00 -9.79 -2.17
CA ILE B 83 -40.72 -8.68 -1.27
C ILE B 83 -41.64 -8.73 -0.03
N PHE B 84 -42.85 -9.26 -0.18
CA PHE B 84 -43.83 -9.41 0.89
C PHE B 84 -43.82 -10.84 1.43
N ASN B 85 -44.36 -11.00 2.64
CA ASN B 85 -44.30 -12.30 3.28
C ASN B 85 -45.70 -12.91 3.29
N PRO B 86 -45.87 -14.12 2.77
CA PRO B 86 -47.16 -14.82 2.94
C PRO B 86 -47.49 -15.15 4.39
N GLU B 87 -46.47 -15.49 5.20
CA GLU B 87 -46.67 -15.80 6.62
C GLU B 87 -47.04 -14.56 7.49
N ARG B 88 -47.28 -13.35 6.92
CA ARG B 88 -47.74 -12.20 7.68
C ARG B 88 -48.98 -11.51 7.09
N SER B 89 -49.35 -11.84 5.85
CA SER B 89 -50.63 -11.44 5.25
C SER B 89 -50.76 -12.12 3.90
N PRO B 100 -41.49 0.76 19.02
CA PRO B 100 -40.40 0.55 19.98
C PRO B 100 -39.24 -0.32 19.48
N LEU B 101 -39.36 -1.10 18.39
CA LEU B 101 -38.25 -1.95 17.99
C LEU B 101 -37.01 -1.10 17.71
N LYS B 102 -35.88 -1.50 18.30
CA LYS B 102 -34.60 -0.84 18.06
C LYS B 102 -33.53 -1.93 18.05
N ILE B 103 -33.64 -2.87 17.12
CA ILE B 103 -32.73 -4.01 17.06
C ILE B 103 -31.35 -3.53 16.63
N PRO B 104 -30.28 -3.85 17.36
CA PRO B 104 -28.94 -3.39 16.97
C PRO B 104 -28.32 -4.25 15.88
N LEU B 105 -27.48 -3.63 15.05
CA LEU B 105 -26.74 -4.36 14.02
C LEU B 105 -25.94 -5.51 14.62
N GLN B 106 -25.50 -5.37 15.88
CA GLN B 106 -24.65 -6.34 16.55
C GLN B 106 -25.34 -7.68 16.77
N ARG B 107 -26.67 -7.69 16.83
CA ARG B 107 -27.41 -8.88 17.26
C ARG B 107 -27.53 -9.95 16.19
N ASN B 108 -27.12 -9.69 14.95
CA ASN B 108 -27.21 -10.74 13.95
C ASN B 108 -25.90 -10.93 13.19
N VAL B 109 -24.83 -10.25 13.58
CA VAL B 109 -23.56 -10.53 12.92
C VAL B 109 -23.22 -11.98 13.26
N ILE B 110 -22.61 -12.68 12.30
CA ILE B 110 -22.28 -14.08 12.52
C ILE B 110 -21.31 -14.11 13.71
N PRO B 111 -21.64 -14.81 14.79
CA PRO B 111 -20.73 -14.78 15.95
C PRO B 111 -19.46 -15.55 15.68
N SER B 112 -18.43 -15.23 16.45
CA SER B 112 -17.11 -15.83 16.31
C SER B 112 -16.84 -16.86 17.41
N VAL B 113 -15.77 -17.63 17.20
CA VAL B 113 -15.40 -18.71 18.14
C VAL B 113 -15.15 -18.16 19.53
N THR B 114 -14.39 -17.06 19.64
CA THR B 114 -14.11 -16.53 20.97
C THR B 114 -15.42 -16.10 21.64
N ARG B 115 -16.26 -15.36 20.91
CA ARG B 115 -17.50 -14.88 21.49
C ARG B 115 -18.36 -16.05 21.97
N VAL B 116 -18.51 -17.11 21.16
CA VAL B 116 -19.29 -18.25 21.61
C VAL B 116 -18.69 -18.82 22.89
N LEU B 117 -17.37 -19.00 22.92
CA LEU B 117 -16.75 -19.62 24.10
C LEU B 117 -16.83 -18.71 25.32
N GLN B 118 -16.67 -17.38 25.15
CA GLN B 118 -16.63 -16.52 26.35
C GLN B 118 -18.01 -16.30 26.95
N GLN B 119 -19.07 -16.38 26.15
CA GLN B 119 -20.40 -16.22 26.70
C GLN B 119 -21.11 -17.55 26.97
N THR B 120 -20.36 -18.64 27.04
CA THR B 120 -20.88 -19.94 27.46
C THR B 120 -20.06 -20.56 28.59
N MET B 121 -19.20 -19.76 29.23
CA MET B 121 -18.34 -20.26 30.28
C MET B 121 -19.16 -20.78 31.44
N THR B 122 -18.59 -21.74 32.15
CA THR B 122 -19.21 -22.26 33.34
C THR B 122 -19.20 -21.18 34.41
N LYS B 123 -20.10 -21.34 35.39
CA LYS B 123 -20.13 -20.43 36.55
C LYS B 123 -18.81 -20.50 37.34
N GLN B 124 -18.18 -21.68 37.41
CA GLN B 124 -16.94 -21.78 38.17
C GLN B 124 -15.81 -21.05 37.45
N GLN B 125 -15.82 -21.06 36.13
CA GLN B 125 -14.74 -20.44 35.42
C GLN B 125 -14.89 -18.92 35.44
N VAL B 126 -16.12 -18.42 35.29
CA VAL B 126 -16.36 -16.99 35.39
C VAL B 126 -15.93 -16.44 36.76
N PHE B 127 -16.19 -17.18 37.83
CA PHE B 127 -15.83 -16.77 39.19
C PHE B 127 -14.32 -16.69 39.37
N LEU B 128 -13.60 -17.76 38.99
CA LEU B 128 -12.15 -17.78 39.18
C LEU B 128 -11.49 -16.63 38.43
N LEU B 129 -12.03 -16.30 37.26
CA LEU B 129 -11.49 -15.20 36.50
C LEU B 129 -11.74 -13.86 37.18
N GLU B 130 -12.93 -13.69 37.78
CA GLU B 130 -13.21 -12.38 38.38
C GLU B 130 -12.53 -12.25 39.73
N ARG B 131 -12.39 -13.34 40.46
CA ARG B 131 -11.64 -13.27 41.71
C ARG B 131 -10.19 -12.89 41.44
N TRP B 132 -9.59 -13.49 40.41
CA TRP B 132 -8.23 -13.11 40.04
C TRP B 132 -8.16 -11.67 39.56
N LYS B 133 -9.10 -11.26 38.70
CA LYS B 133 -9.11 -9.90 38.21
C LYS B 133 -9.16 -8.91 39.37
N GLN B 134 -10.05 -9.14 40.32
CA GLN B 134 -10.16 -8.28 41.49
C GLN B 134 -8.94 -8.42 42.38
N ARG B 135 -8.28 -9.60 42.35
CA ARG B 135 -7.09 -9.78 43.16
C ARG B 135 -5.93 -8.91 42.67
N MET B 136 -5.98 -8.40 41.45
CA MET B 136 -4.86 -7.62 40.98
C MET B 136 -5.12 -6.15 40.88
N ILE B 137 -6.38 -5.77 40.64
CA ILE B 137 -6.71 -4.38 40.81
C ILE B 137 -6.35 -3.94 42.22
N LEU B 138 -6.41 -4.86 43.17
CA LEU B 138 -6.06 -4.49 44.53
C LEU B 138 -4.56 -4.38 44.69
N GLU B 139 -3.79 -5.18 43.95
CA GLU B 139 -2.34 -5.08 44.00
C GLU B 139 -1.80 -3.97 43.11
N LEU B 140 -2.52 -3.59 42.04
CA LEU B 140 -1.98 -2.64 41.07
C LEU B 140 -2.82 -1.38 40.89
N GLY B 141 -4.00 -1.30 41.49
CA GLY B 141 -4.87 -0.16 41.23
C GLY B 141 -5.51 -0.29 39.87
N GLU B 142 -6.60 0.44 39.64
CA GLU B 142 -7.35 0.21 38.41
C GLU B 142 -6.54 0.59 37.17
N ASP B 143 -5.59 1.53 37.31
CA ASP B 143 -4.74 1.89 36.18
C ASP B 143 -3.60 0.90 36.03
N GLY B 144 -3.00 0.48 37.16
CA GLY B 144 -1.92 -0.49 37.10
C GLY B 144 -2.34 -1.78 36.44
N PHE B 145 -3.52 -2.29 36.79
CA PHE B 145 -4.01 -3.49 36.13
C PHE B 145 -4.33 -3.22 34.67
N LYS B 146 -4.86 -2.04 34.36
CA LYS B 146 -5.11 -1.77 32.95
C LYS B 146 -3.80 -1.64 32.19
N GLU B 147 -2.74 -1.18 32.87
CA GLU B 147 -1.39 -1.33 32.33
C GLU B 147 -1.12 -2.79 32.00
N TYR B 148 -1.29 -3.66 33.00
CA TYR B 148 -0.98 -5.07 32.84
C TYR B 148 -1.73 -5.67 31.66
N THR B 149 -3.03 -5.41 31.57
CA THR B 149 -3.82 -5.93 30.46
C THR B 149 -3.27 -5.50 29.11
N SER B 150 -2.78 -4.26 29.03
CA SER B 150 -2.26 -3.75 27.76
C SER B 150 -0.98 -4.49 27.35
N ASN B 151 -0.09 -4.72 28.30
CA ASN B 151 1.16 -5.37 27.94
C ASN B 151 0.96 -6.83 27.59
N VAL B 152 0.02 -7.50 28.26
CA VAL B 152 -0.32 -8.87 27.89
C VAL B 152 -0.86 -8.93 26.46
N PHE B 153 -1.88 -8.11 26.16
CA PHE B 153 -2.40 -8.07 24.80
C PHE B 153 -1.31 -7.73 23.81
N LEU B 154 -0.42 -6.79 24.16
CA LEU B 154 0.63 -6.41 23.23
C LEU B 154 1.67 -7.53 23.10
N GLN B 155 2.03 -8.18 24.21
CA GLN B 155 2.98 -9.29 24.12
C GLN B 155 2.45 -10.40 23.21
N GLY B 156 1.19 -10.80 23.40
CA GLY B 156 0.60 -11.80 22.51
C GLY B 156 0.48 -11.33 21.08
N LYS B 157 0.18 -10.03 20.88
CA LYS B 157 0.03 -9.50 19.52
C LYS B 157 1.36 -9.54 18.78
N ARG B 158 2.45 -9.08 19.41
CA ARG B 158 3.75 -9.14 18.73
C ARG B 158 4.18 -10.58 18.46
N PHE B 159 3.79 -11.50 19.34
CA PHE B 159 4.14 -12.90 19.14
C PHE B 159 3.53 -13.44 17.86
N HIS B 160 2.25 -13.16 17.61
CA HIS B 160 1.65 -13.67 16.39
C HIS B 160 2.15 -12.90 15.16
N GLU B 161 2.50 -11.61 15.31
CA GLU B 161 3.10 -10.86 14.20
C GLU B 161 4.47 -11.40 13.83
N ALA B 162 5.31 -11.71 14.83
CA ALA B 162 6.59 -12.36 14.55
C ALA B 162 6.38 -13.73 13.88
N LEU B 163 5.38 -14.49 14.34
CA LEU B 163 5.20 -15.84 13.86
C LEU B 163 4.68 -15.88 12.45
N GLU B 164 3.85 -14.92 12.08
CA GLU B 164 3.35 -14.90 10.71
C GLU B 164 4.41 -14.38 9.75
N SER B 165 5.25 -13.45 10.20
CA SER B 165 6.39 -13.05 9.39
C SER B 165 7.35 -14.22 9.15
N ILE B 166 7.58 -15.06 10.16
CA ILE B 166 8.55 -16.15 9.99
C ILE B 166 7.99 -17.25 9.11
N LEU B 167 6.69 -17.45 9.13
CA LEU B 167 6.16 -18.50 8.27
C LEU B 167 5.60 -17.97 6.97
N SER B 168 5.59 -16.67 6.74
CA SER B 168 5.14 -16.22 5.43
C SER B 168 6.21 -16.57 4.41
N PRO B 169 5.92 -17.45 3.45
CA PRO B 169 6.91 -17.85 2.45
C PRO B 169 7.10 -16.76 1.40
N ASN B 179 14.40 -7.19 16.85
CA ASN B 179 14.94 -8.52 16.59
C ASN B 179 14.05 -9.63 17.13
N LEU B 180 13.43 -10.38 16.21
CA LEU B 180 12.49 -11.43 16.62
C LEU B 180 13.19 -12.59 17.31
N LEU B 181 14.46 -12.84 16.99
CA LEU B 181 15.13 -13.95 17.68
C LEU B 181 15.47 -13.62 19.12
N LYS B 182 15.33 -12.36 19.53
CA LYS B 182 15.55 -11.94 20.90
C LYS B 182 14.29 -11.98 21.76
N SER B 183 13.16 -12.41 21.22
CA SER B 183 11.95 -12.60 22.02
C SER B 183 11.99 -13.93 22.75
N GLY B 184 11.67 -13.89 24.05
CA GLY B 184 11.55 -15.12 24.81
C GLY B 184 10.54 -16.09 24.22
N TYR B 185 9.44 -15.54 23.66
CA TYR B 185 8.43 -16.39 23.02
C TYR B 185 8.98 -17.04 21.77
N ILE B 186 9.80 -16.32 20.98
CA ILE B 186 10.29 -16.96 19.76
C ILE B 186 11.34 -17.98 20.11
N GLU B 187 12.24 -17.61 21.02
CA GLU B 187 13.19 -18.58 21.56
C GLU B 187 12.48 -19.84 22.01
N SER B 188 11.33 -19.68 22.65
CA SER B 188 10.67 -20.81 23.28
C SER B 188 10.02 -21.72 22.26
N VAL B 189 9.74 -21.24 21.04
CA VAL B 189 9.07 -22.07 20.05
C VAL B 189 9.99 -22.51 18.93
N GLN B 190 11.26 -22.12 18.94
CA GLN B 190 12.11 -22.35 17.79
C GLN B 190 12.15 -23.82 17.43
N HIS B 191 12.36 -24.69 18.42
CA HIS B 191 12.38 -26.11 18.11
C HIS B 191 11.06 -26.55 17.47
N ILE B 192 9.95 -26.31 18.16
CA ILE B 192 8.65 -26.61 17.55
C ILE B 192 8.56 -25.98 16.17
N LEU B 193 9.04 -24.74 16.04
CA LEU B 193 8.90 -23.98 14.81
C LEU B 193 9.75 -24.57 13.69
N LYS B 194 10.85 -25.22 14.02
CA LYS B 194 11.56 -25.91 12.97
C LYS B 194 10.90 -27.25 12.63
N ASP B 195 9.94 -27.73 13.43
CA ASP B 195 9.17 -28.93 13.09
C ASP B 195 7.96 -28.60 12.25
N VAL B 196 7.82 -27.37 11.78
CA VAL B 196 6.65 -26.94 11.04
C VAL B 196 7.06 -26.64 9.61
N SER B 197 6.34 -27.24 8.67
CA SER B 197 6.54 -27.01 7.24
C SER B 197 5.19 -27.19 6.55
N GLY B 198 5.17 -26.94 5.23
CA GLY B 198 3.97 -27.10 4.41
C GLY B 198 2.83 -26.17 4.77
N VAL B 199 3.16 -24.89 4.93
CA VAL B 199 2.18 -23.91 5.43
C VAL B 199 1.10 -23.63 4.40
N ARG B 200 -0.13 -23.99 4.75
CA ARG B 200 -1.29 -23.97 3.87
C ARG B 200 -2.06 -22.66 3.97
N ALA B 201 -2.22 -22.17 5.19
CA ALA B 201 -2.93 -20.92 5.47
C ALA B 201 -2.34 -20.28 6.73
N LEU B 202 -2.33 -18.95 6.73
CA LEU B 202 -1.92 -18.15 7.88
C LEU B 202 -2.91 -17.01 8.07
N GLU B 203 -3.33 -16.78 9.32
CA GLU B 203 -4.20 -15.65 9.62
C GLU B 203 -5.34 -15.59 8.62
N SER B 204 -6.03 -16.71 8.43
CA SER B 204 -6.98 -16.86 7.35
C SER B 204 -8.35 -17.18 7.94
N ALA B 205 -9.37 -16.49 7.42
CA ALA B 205 -10.73 -16.53 7.95
C ALA B 205 -11.48 -17.79 7.53
N VAL B 206 -12.40 -18.22 8.41
CA VAL B 206 -13.18 -19.43 8.21
C VAL B 206 -14.59 -19.15 8.69
N GLN B 207 -15.57 -19.67 7.96
CA GLN B 207 -16.97 -19.55 8.37
C GLN B 207 -17.64 -20.90 8.07
N HIS B 208 -18.43 -21.38 9.03
CA HIS B 208 -19.15 -22.64 8.92
C HIS B 208 -20.57 -22.26 8.55
N GLU B 209 -20.98 -22.61 7.32
CA GLU B 209 -22.22 -22.05 6.79
C GLU B 209 -23.42 -22.60 7.53
N THR B 210 -23.49 -23.94 7.66
CA THR B 210 -24.63 -24.59 8.30
C THR B 210 -24.64 -24.38 9.82
N LEU B 211 -23.48 -24.28 10.47
CA LEU B 211 -23.43 -24.16 11.92
C LEU B 211 -23.43 -22.71 12.41
N ASN B 212 -23.28 -21.72 11.52
CA ASN B 212 -23.49 -20.31 11.81
C ASN B 212 -22.50 -19.79 12.86
N TYR B 213 -21.23 -19.79 12.47
CA TYR B 213 -20.21 -19.04 13.20
C TYR B 213 -19.02 -18.81 12.28
N ILE B 214 -18.20 -17.83 12.65
CA ILE B 214 -16.96 -17.52 11.92
C ILE B 214 -15.80 -17.63 12.89
N GLY B 215 -14.60 -17.54 12.32
CA GLY B 215 -13.38 -17.57 13.12
C GLY B 215 -12.20 -17.06 12.32
N LEU B 216 -11.10 -16.84 13.03
CA LEU B 216 -9.83 -16.51 12.40
C LEU B 216 -8.75 -17.42 12.94
N LEU B 217 -8.31 -18.38 12.12
CA LEU B 217 -7.26 -19.30 12.54
C LEU B 217 -5.87 -18.70 12.36
N ASP B 218 -4.98 -18.96 13.33
CA ASP B 218 -3.59 -18.52 13.20
C ASP B 218 -2.95 -19.10 11.96
N CYS B 219 -2.94 -20.43 11.86
CA CYS B 219 -2.06 -21.10 10.92
C CYS B 219 -2.53 -22.52 10.73
N VAL B 220 -2.44 -23.02 9.49
CA VAL B 220 -2.64 -24.43 9.17
C VAL B 220 -1.39 -24.94 8.43
N ALA B 221 -0.61 -25.78 9.11
CA ALA B 221 0.63 -26.29 8.54
C ALA B 221 0.85 -27.71 9.04
N GLU B 222 1.82 -28.42 8.45
CA GLU B 222 2.16 -29.74 8.97
C GLU B 222 3.24 -29.60 10.04
N TYR B 223 3.04 -30.28 11.15
CA TYR B 223 3.98 -30.33 12.27
C TYR B 223 4.40 -31.79 12.39
N GLN B 224 5.66 -32.07 12.08
CA GLN B 224 6.19 -33.44 12.14
C GLN B 224 5.44 -34.36 11.15
N GLY B 225 5.17 -33.82 9.96
CA GLY B 225 4.49 -34.52 8.90
C GLY B 225 2.97 -34.42 8.92
N LYS B 226 2.36 -34.20 10.09
CA LYS B 226 0.89 -34.21 10.20
C LYS B 226 0.36 -32.79 10.06
N LEU B 227 -0.52 -32.58 9.10
CA LEU B 227 -1.10 -31.26 8.84
C LEU B 227 -2.04 -30.88 9.98
N CYS B 228 -1.89 -29.65 10.51
CA CYS B 228 -2.64 -29.26 11.70
C CYS B 228 -3.19 -27.84 11.62
N VAL B 229 -4.26 -27.63 12.39
CA VAL B 229 -4.62 -26.30 12.85
C VAL B 229 -3.77 -26.05 14.10
N ILE B 230 -2.93 -25.03 14.06
CA ILE B 230 -2.05 -24.73 15.17
C ILE B 230 -2.54 -23.45 15.82
N ASP B 231 -2.58 -23.45 17.14
CA ASP B 231 -3.03 -22.32 17.94
C ASP B 231 -1.83 -21.86 18.75
N TRP B 232 -1.21 -20.75 18.33
CA TRP B 232 -0.07 -20.23 19.07
C TRP B 232 -0.58 -19.34 20.20
N LYS B 233 -0.01 -19.54 21.39
CA LYS B 233 -0.49 -18.88 22.58
C LYS B 233 0.72 -18.52 23.45
N THR B 234 0.75 -17.31 23.99
CA THR B 234 1.69 -17.00 25.07
C THR B 234 1.01 -17.34 26.37
N SER B 235 1.82 -17.58 27.40
CA SER B 235 1.24 -17.84 28.71
C SER B 235 2.22 -17.44 29.79
N GLU B 236 1.69 -16.91 30.89
CA GLU B 236 2.58 -16.47 31.96
C GLU B 236 3.05 -17.64 32.81
N LYS B 237 2.13 -18.49 33.19
CA LYS B 237 2.33 -19.67 34.00
C LYS B 237 2.45 -20.91 33.12
N PRO B 238 3.09 -21.98 33.59
CA PRO B 238 3.26 -23.15 32.72
C PRO B 238 1.92 -23.86 32.50
N LYS B 239 1.76 -24.42 31.30
CA LYS B 239 0.55 -25.17 30.92
C LYS B 239 1.01 -26.54 30.41
N PRO B 240 1.42 -27.43 31.32
CA PRO B 240 2.08 -28.67 30.88
C PRO B 240 1.15 -29.72 30.27
N PHE B 241 -0.14 -29.74 30.65
CA PHE B 241 -1.09 -30.68 30.09
C PHE B 241 -2.17 -29.93 29.30
N ILE B 242 -2.83 -30.64 28.36
CA ILE B 242 -3.73 -29.93 27.45
C ILE B 242 -4.93 -29.37 28.22
N GLN B 243 -5.34 -30.01 29.31
CA GLN B 243 -6.45 -29.46 30.09
C GLN B 243 -6.05 -28.23 30.88
N SER B 244 -4.78 -27.93 30.90
CA SER B 244 -4.29 -26.71 31.46
C SER B 244 -4.58 -25.52 30.52
N THR B 245 -4.91 -25.81 29.29
CA THR B 245 -5.17 -24.85 28.26
C THR B 245 -6.59 -24.40 28.15
N PHE B 246 -7.44 -24.86 29.05
CA PHE B 246 -8.83 -24.43 29.10
C PHE B 246 -9.66 -24.66 27.84
N ASP B 247 -10.16 -23.59 27.26
CA ASP B 247 -10.99 -23.67 26.10
C ASP B 247 -10.26 -23.58 24.77
N ASN B 248 -8.94 -23.65 24.80
CA ASN B 248 -8.10 -23.60 23.60
C ASN B 248 -8.33 -24.75 22.67
N PRO B 249 -8.60 -25.90 23.24
CA PRO B 249 -8.91 -27.10 22.49
C PRO B 249 -10.19 -26.93 21.70
N LEU B 250 -11.21 -26.33 22.29
CA LEU B 250 -12.44 -26.10 21.54
C LEU B 250 -12.27 -24.98 20.56
N GLN B 251 -11.29 -24.12 20.75
CA GLN B 251 -11.04 -23.17 19.69
C GLN B 251 -10.42 -23.88 18.48
N VAL B 252 -9.48 -24.81 18.72
CA VAL B 252 -8.84 -25.55 17.62
C VAL B 252 -9.86 -26.35 16.83
N VAL B 253 -10.74 -27.08 17.53
CA VAL B 253 -11.68 -27.92 16.78
C VAL B 253 -12.77 -27.08 16.13
N ALA B 254 -13.10 -25.94 16.72
CA ALA B 254 -14.08 -25.07 16.08
C ALA B 254 -13.53 -24.52 14.79
N TYR B 255 -12.24 -24.25 14.78
CA TYR B 255 -11.58 -23.85 13.56
C TYR B 255 -11.62 -25.01 12.56
N MET B 256 -11.20 -26.19 12.99
CA MET B 256 -11.20 -27.37 12.15
C MET B 256 -12.52 -27.60 11.44
N GLY B 257 -13.55 -27.93 12.20
CA GLY B 257 -14.84 -28.21 11.60
C GLY B 257 -15.33 -27.09 10.70
N ALA B 258 -15.11 -25.84 11.11
CA ALA B 258 -15.49 -24.72 10.24
C ALA B 258 -14.61 -24.68 9.00
N MET B 259 -13.38 -25.13 9.08
CA MET B 259 -12.49 -25.05 7.92
C MET B 259 -12.74 -26.07 6.88
N ASN B 260 -12.97 -27.30 7.25
CA ASN B 260 -13.22 -28.34 6.27
C ASN B 260 -14.67 -28.37 5.82
N HIS B 261 -15.42 -27.30 6.10
CA HIS B 261 -16.74 -27.13 5.53
C HIS B 261 -16.90 -25.75 4.90
N ASP B 262 -15.94 -24.84 5.06
CA ASP B 262 -15.95 -23.59 4.34
C ASP B 262 -15.67 -23.83 2.85
N THR B 263 -16.47 -23.18 1.99
CA THR B 263 -16.34 -23.39 0.55
C THR B 263 -15.00 -22.85 0.03
N ASN B 264 -14.36 -21.92 0.76
CA ASN B 264 -13.12 -21.26 0.37
C ASN B 264 -11.87 -22.11 0.61
N TYR B 265 -12.01 -23.32 1.16
CA TYR B 265 -10.87 -24.19 1.43
C TYR B 265 -11.07 -25.48 0.66
N SER B 266 -10.09 -25.79 -0.20
CA SER B 266 -10.09 -26.96 -1.07
C SER B 266 -9.65 -28.24 -0.35
N PHE B 267 -9.01 -28.13 0.80
CA PHE B 267 -8.52 -29.29 1.51
C PHE B 267 -9.21 -29.35 2.87
N GLN B 268 -9.09 -30.50 3.52
CA GLN B 268 -9.55 -30.65 4.90
C GLN B 268 -8.34 -30.93 5.79
N VAL B 269 -8.56 -30.82 7.10
CA VAL B 269 -7.53 -31.02 8.10
C VAL B 269 -8.09 -31.96 9.16
N GLN B 270 -7.20 -32.75 9.78
CA GLN B 270 -7.66 -33.69 10.79
C GLN B 270 -6.87 -33.69 12.08
N CYS B 271 -5.97 -32.72 12.30
CA CYS B 271 -5.25 -32.63 13.55
C CYS B 271 -5.16 -31.20 14.00
N GLY B 272 -4.92 -31.05 15.31
CA GLY B 272 -4.75 -29.74 15.90
C GLY B 272 -3.53 -29.73 16.80
N LEU B 273 -3.08 -28.52 17.10
CA LEU B 273 -1.88 -28.36 17.90
C LEU B 273 -1.99 -27.07 18.69
N ILE B 274 -1.99 -27.16 20.01
CA ILE B 274 -1.88 -25.98 20.85
C ILE B 274 -0.43 -25.88 21.26
N VAL B 275 0.20 -24.75 20.95
CA VAL B 275 1.60 -24.51 21.29
C VAL B 275 1.66 -23.34 22.28
N VAL B 276 2.15 -23.62 23.50
CA VAL B 276 2.18 -22.64 24.59
C VAL B 276 3.61 -22.18 24.82
N ALA B 277 3.88 -20.88 24.53
CA ALA B 277 5.21 -20.28 24.61
C ALA B 277 5.37 -19.40 25.84
N TYR B 278 6.58 -19.37 26.37
CA TYR B 278 6.84 -18.66 27.62
C TYR B 278 7.83 -17.52 27.46
N LYS B 279 7.63 -16.49 28.29
CA LYS B 279 8.41 -15.26 28.16
C LYS B 279 9.87 -15.47 28.54
N ASP B 280 10.17 -16.45 29.38
CA ASP B 280 11.55 -16.61 29.83
C ASP B 280 12.42 -17.37 28.84
N GLY B 281 11.86 -17.87 27.72
CA GLY B 281 12.64 -18.59 26.73
C GLY B 281 12.70 -20.08 26.93
N SER B 282 12.20 -20.60 28.06
CA SER B 282 12.15 -22.03 28.30
C SER B 282 11.26 -22.71 27.27
N PRO B 283 11.47 -24.00 26.99
CA PRO B 283 10.77 -24.67 25.89
C PRO B 283 9.25 -24.56 26.01
N ALA B 284 8.58 -24.41 24.87
CA ALA B 284 7.12 -24.30 24.78
C ALA B 284 6.46 -25.67 24.85
N HIS B 285 5.18 -25.71 25.25
CA HIS B 285 4.52 -27.01 25.35
C HIS B 285 3.71 -27.32 24.12
N PRO B 286 4.12 -28.31 23.30
CA PRO B 286 3.28 -28.75 22.19
C PRO B 286 2.26 -29.73 22.72
N HIS B 287 0.99 -29.41 22.55
CA HIS B 287 -0.10 -30.34 22.85
C HIS B 287 -0.73 -30.69 21.52
N PHE B 288 -0.47 -31.90 21.05
CA PHE B 288 -0.94 -32.37 19.76
C PHE B 288 -2.28 -33.04 19.96
N MET B 289 -3.15 -32.90 18.96
CA MET B 289 -4.46 -33.53 19.04
C MET B 289 -4.74 -34.36 17.79
N ASP B 290 -4.61 -35.68 17.92
CA ASP B 290 -4.83 -36.51 16.76
C ASP B 290 -6.30 -36.50 16.35
N ALA B 291 -6.59 -37.16 15.23
CA ALA B 291 -7.93 -37.09 14.64
C ALA B 291 -8.99 -37.60 15.60
N GLU B 292 -8.65 -38.51 16.51
CA GLU B 292 -9.68 -38.95 17.44
C GLU B 292 -9.92 -37.93 18.56
N LEU B 293 -8.86 -37.27 19.07
CA LEU B 293 -9.06 -36.41 20.23
C LEU B 293 -9.69 -35.08 19.83
N CYS B 294 -9.58 -34.69 18.56
CA CYS B 294 -10.32 -33.55 18.06
C CYS B 294 -11.80 -33.86 17.94
N SER B 295 -12.15 -35.13 17.67
CA SER B 295 -13.56 -35.54 17.61
C SER B 295 -14.20 -35.51 19.01
N GLN B 296 -13.47 -35.94 20.04
CA GLN B 296 -14.09 -35.93 21.37
C GLN B 296 -14.31 -34.51 21.83
N TYR B 297 -13.37 -33.62 21.54
CA TYR B 297 -13.52 -32.21 21.83
C TYR B 297 -14.58 -31.54 20.97
N TRP B 298 -14.74 -31.98 19.73
CA TRP B 298 -15.72 -31.36 18.83
C TRP B 298 -17.12 -31.52 19.38
N THR B 299 -17.36 -32.61 20.10
CA THR B 299 -18.66 -32.80 20.73
C THR B 299 -18.93 -31.71 21.76
N LYS B 300 -17.93 -31.45 22.63
CA LYS B 300 -18.08 -30.44 23.67
C LYS B 300 -18.21 -29.05 23.09
N TRP B 301 -17.70 -28.83 21.88
CA TRP B 301 -17.85 -27.53 21.27
C TRP B 301 -19.25 -27.34 20.72
N LEU B 302 -19.87 -28.41 20.23
CA LEU B 302 -21.26 -28.28 19.79
C LEU B 302 -22.18 -28.03 20.98
N LEU B 303 -21.82 -28.52 22.16
CA LEU B 303 -22.59 -28.18 23.35
C LEU B 303 -22.44 -26.71 23.69
N ARG B 304 -21.23 -26.16 23.55
CA ARG B 304 -21.10 -24.76 23.91
C ARG B 304 -21.74 -23.87 22.86
N LEU B 305 -21.84 -24.37 21.62
CA LEU B 305 -22.51 -23.65 20.55
C LEU B 305 -24.01 -23.68 20.72
N GLU B 306 -24.55 -24.73 21.35
CA GLU B 306 -25.98 -24.78 21.60
C GLU B 306 -26.37 -24.00 22.86
N GLU B 307 -25.53 -24.00 23.89
CA GLU B 307 -25.78 -23.15 25.06
C GLU B 307 -25.85 -21.70 24.66
N TYR B 308 -25.04 -21.28 23.68
CA TYR B 308 -25.02 -19.90 23.22
C TYR B 308 -26.34 -19.53 22.53
N THR B 309 -26.82 -20.37 21.60
CA THR B 309 -28.06 -20.09 20.87
C THR B 309 -29.26 -20.02 21.81
N GLU B 310 -29.53 -21.09 22.56
CA GLU B 310 -30.62 -21.06 23.53
C GLU B 310 -30.54 -19.83 24.44
N LYS B 311 -29.34 -19.39 24.78
CA LYS B 311 -29.20 -18.27 25.68
C LYS B 311 -29.60 -16.95 25.02
N LYS B 312 -29.50 -16.88 23.67
CA LYS B 312 -29.86 -15.68 22.91
C LYS B 312 -31.36 -15.49 22.74
N LYS B 313 -32.16 -16.05 23.64
CA LYS B 313 -33.61 -16.00 23.57
C LYS B 313 -34.21 -15.89 24.98
N ARG C 75 4.11 36.07 -8.18
CA ARG C 75 5.16 35.99 -7.17
C ARG C 75 6.46 36.63 -7.66
N VAL C 76 7.56 36.24 -7.01
CA VAL C 76 8.90 36.79 -7.19
C VAL C 76 9.89 35.72 -6.75
N PRO C 77 10.90 35.36 -7.55
CA PRO C 77 11.85 34.31 -7.11
C PRO C 77 12.68 34.79 -5.94
N GLN C 78 12.94 33.88 -4.99
CA GLN C 78 13.67 34.27 -3.80
C GLN C 78 15.12 34.59 -4.12
N ASN C 79 15.70 33.89 -5.09
CA ASN C 79 17.12 34.02 -5.41
C ASN C 79 17.29 33.71 -6.90
N TRP C 80 17.94 34.61 -7.65
CA TRP C 80 17.93 34.59 -9.11
C TRP C 80 19.35 34.55 -9.64
N PHE C 81 19.63 33.56 -10.47
CA PHE C 81 20.91 33.38 -11.12
C PHE C 81 20.75 33.60 -12.62
N PRO C 82 21.82 33.98 -13.31
CA PRO C 82 21.65 34.35 -14.71
C PRO C 82 21.59 33.12 -15.58
N ILE C 83 20.73 33.17 -16.59
CA ILE C 83 20.65 32.09 -17.56
C ILE C 83 21.89 32.08 -18.44
N PHE C 84 22.51 33.24 -18.65
CA PHE C 84 23.68 33.39 -19.49
C PHE C 84 24.92 33.30 -18.60
N ASN C 85 26.09 33.08 -19.22
CA ASN C 85 27.32 32.77 -18.46
C ASN C 85 28.17 33.98 -17.99
N PRO C 86 28.69 34.81 -18.92
CA PRO C 86 28.70 34.94 -20.37
C PRO C 86 30.00 34.45 -20.99
N GLU C 87 29.98 33.22 -21.50
CA GLU C 87 31.12 32.57 -22.14
C GLU C 87 32.42 32.76 -21.38
N PRO C 100 29.12 17.51 -32.50
CA PRO C 100 27.89 16.70 -32.59
C PRO C 100 27.62 16.02 -31.23
N LEU C 101 27.66 16.83 -30.16
CA LEU C 101 27.56 16.31 -28.80
C LEU C 101 26.31 15.46 -28.57
N LYS C 102 26.51 14.28 -27.96
CA LYS C 102 25.45 13.39 -27.50
C LYS C 102 25.90 12.85 -26.13
N ILE C 103 25.98 13.73 -25.15
CA ILE C 103 26.45 13.32 -23.83
C ILE C 103 25.37 12.46 -23.16
N PRO C 104 25.72 11.30 -22.60
CA PRO C 104 24.68 10.48 -21.98
C PRO C 104 24.35 11.00 -20.60
N LEU C 105 23.11 10.75 -20.19
CA LEU C 105 22.70 11.13 -18.84
C LEU C 105 23.61 10.50 -17.80
N GLN C 106 24.08 9.28 -18.06
CA GLN C 106 24.82 8.52 -17.04
C GLN C 106 26.18 9.14 -16.73
N ARG C 107 26.74 9.92 -17.67
CA ARG C 107 28.01 10.58 -17.39
C ARG C 107 27.93 11.58 -16.24
N ASN C 108 26.72 11.92 -15.78
CA ASN C 108 26.55 12.88 -14.70
C ASN C 108 25.95 12.27 -13.45
N VAL C 109 25.63 10.99 -13.48
CA VAL C 109 25.07 10.32 -12.31
C VAL C 109 26.18 10.10 -11.29
N ILE C 110 25.84 10.26 -10.02
CA ILE C 110 26.76 9.97 -8.94
C ILE C 110 26.92 8.44 -8.89
N PRO C 111 28.14 7.92 -9.08
CA PRO C 111 28.32 6.47 -9.08
C PRO C 111 28.17 5.90 -7.69
N SER C 112 27.92 4.60 -7.64
CA SER C 112 27.67 3.92 -6.39
C SER C 112 28.95 3.28 -5.88
N VAL C 113 28.88 2.83 -4.63
CA VAL C 113 30.08 2.27 -3.99
C VAL C 113 30.57 1.06 -4.75
N THR C 114 29.66 0.17 -5.14
CA THR C 114 30.05 -1.05 -5.81
C THR C 114 30.61 -0.78 -7.21
N ARG C 115 29.95 0.08 -7.98
CA ARG C 115 30.52 0.47 -9.26
C ARG C 115 31.96 0.99 -9.11
N VAL C 116 32.19 1.92 -8.18
CA VAL C 116 33.56 2.36 -7.90
C VAL C 116 34.47 1.17 -7.67
N LEU C 117 34.02 0.20 -6.87
CA LEU C 117 34.85 -0.96 -6.56
C LEU C 117 35.00 -1.88 -7.77
N GLN C 118 33.94 -2.02 -8.57
CA GLN C 118 34.03 -2.98 -9.67
C GLN C 118 34.87 -2.49 -10.85
N GLN C 119 35.03 -1.17 -11.03
CA GLN C 119 35.82 -0.62 -12.14
C GLN C 119 37.25 -0.21 -11.75
N THR C 120 37.70 -0.59 -10.57
CA THR C 120 39.05 -0.31 -10.09
C THR C 120 39.73 -1.59 -9.67
N MET C 121 39.15 -2.74 -10.05
CA MET C 121 39.68 -4.03 -9.67
C MET C 121 41.07 -4.24 -10.23
N THR C 122 41.89 -4.94 -9.46
CA THR C 122 43.24 -5.13 -9.92
C THR C 122 43.25 -6.00 -11.17
N LYS C 123 44.34 -5.89 -11.91
CA LYS C 123 44.53 -6.74 -13.07
C LYS C 123 44.51 -8.21 -12.66
N GLN C 124 45.04 -8.52 -11.46
CA GLN C 124 45.02 -9.89 -10.95
C GLN C 124 43.64 -10.31 -10.50
N GLN C 125 42.84 -9.38 -9.97
CA GLN C 125 41.51 -9.74 -9.50
C GLN C 125 40.56 -10.00 -10.67
N VAL C 126 40.59 -9.17 -11.70
CA VAL C 126 39.74 -9.39 -12.87
C VAL C 126 40.10 -10.68 -13.56
N PHE C 127 41.39 -11.00 -13.61
CA PHE C 127 41.85 -12.23 -14.26
C PHE C 127 41.31 -13.47 -13.54
N LEU C 128 41.49 -13.55 -12.21
CA LEU C 128 40.99 -14.72 -11.50
C LEU C 128 39.47 -14.83 -11.59
N LEU C 129 38.75 -13.70 -11.63
CA LEU C 129 37.31 -13.78 -11.77
C LEU C 129 36.92 -14.29 -13.13
N GLU C 130 37.63 -13.87 -14.16
CA GLU C 130 37.24 -14.28 -15.49
C GLU C 130 37.62 -15.72 -15.76
N ARG C 131 38.70 -16.19 -15.14
CA ARG C 131 38.99 -17.62 -15.26
C ARG C 131 37.89 -18.44 -14.63
N TRP C 132 37.60 -18.20 -13.34
CA TRP C 132 36.54 -18.92 -12.65
C TRP C 132 35.26 -18.91 -13.46
N LYS C 133 34.91 -17.76 -14.04
CA LYS C 133 33.74 -17.67 -14.90
C LYS C 133 33.89 -18.64 -16.06
N GLN C 134 35.06 -18.66 -16.68
CA GLN C 134 35.27 -19.52 -17.84
C GLN C 134 35.32 -20.98 -17.43
N ARG C 135 35.90 -21.29 -16.26
CA ARG C 135 35.94 -22.68 -15.80
C ARG C 135 34.56 -23.21 -15.44
N MET C 136 33.55 -22.35 -15.36
CA MET C 136 32.27 -22.86 -14.96
C MET C 136 31.22 -22.85 -16.08
N ILE C 137 31.39 -21.99 -17.10
CA ILE C 137 30.61 -22.15 -18.32
C ILE C 137 30.99 -23.44 -19.05
N LEU C 138 32.24 -23.88 -18.90
CA LEU C 138 32.66 -25.13 -19.54
C LEU C 138 32.08 -26.31 -18.79
N GLU C 139 31.93 -26.15 -17.49
CA GLU C 139 31.39 -27.14 -16.59
C GLU C 139 29.87 -27.17 -16.57
N LEU C 140 29.20 -26.06 -16.91
CA LEU C 140 27.75 -25.96 -16.87
C LEU C 140 27.09 -25.48 -18.14
N GLY C 141 27.82 -25.07 -19.15
CA GLY C 141 27.19 -24.47 -20.31
C GLY C 141 26.73 -23.05 -20.01
N GLU C 142 26.52 -22.30 -21.10
CA GLU C 142 26.27 -20.87 -20.98
C GLU C 142 24.97 -20.59 -20.25
N ASP C 143 24.00 -21.50 -20.35
CA ASP C 143 22.73 -21.32 -19.65
C ASP C 143 22.81 -21.82 -18.21
N GLY C 144 23.42 -22.98 -17.98
CA GLY C 144 23.51 -23.49 -16.63
C GLY C 144 24.18 -22.50 -15.69
N PHE C 145 25.28 -21.89 -16.15
CA PHE C 145 25.92 -20.84 -15.38
C PHE C 145 25.01 -19.63 -15.27
N LYS C 146 24.34 -19.25 -16.34
CA LYS C 146 23.44 -18.09 -16.23
C LYS C 146 22.26 -18.41 -15.34
N GLU C 147 21.79 -19.66 -15.32
CA GLU C 147 20.75 -20.02 -14.36
C GLU C 147 21.33 -20.21 -12.96
N TYR C 148 22.58 -20.67 -12.85
CA TYR C 148 23.27 -20.70 -11.56
C TYR C 148 23.37 -19.32 -10.94
N THR C 149 23.87 -18.33 -11.71
CA THR C 149 23.99 -16.95 -11.23
C THR C 149 22.65 -16.40 -10.77
N SER C 150 21.56 -16.78 -11.43
CA SER C 150 20.25 -16.28 -11.01
C SER C 150 19.92 -16.76 -9.60
N ASN C 151 20.20 -18.03 -9.30
CA ASN C 151 19.85 -18.52 -7.99
C ASN C 151 20.79 -18.04 -6.90
N VAL C 152 22.09 -17.84 -7.22
CA VAL C 152 23.02 -17.23 -6.26
C VAL C 152 22.52 -15.87 -5.82
N PHE C 153 22.15 -15.01 -6.77
CA PHE C 153 21.57 -13.73 -6.43
C PHE C 153 20.28 -13.93 -5.64
N LEU C 154 19.50 -14.94 -6.02
CA LEU C 154 18.22 -15.17 -5.36
C LEU C 154 18.46 -15.60 -3.92
N GLN C 155 19.48 -16.43 -3.69
CA GLN C 155 19.81 -16.84 -2.33
C GLN C 155 20.18 -15.65 -1.44
N GLY C 156 20.99 -14.71 -1.93
CA GLY C 156 21.29 -13.54 -1.12
C GLY C 156 20.07 -12.67 -0.81
N LYS C 157 19.21 -12.45 -1.81
CA LYS C 157 18.07 -11.56 -1.63
C LYS C 157 17.07 -12.13 -0.62
N ARG C 158 16.69 -13.40 -0.76
CA ARG C 158 15.85 -14.02 0.25
C ARG C 158 16.49 -13.93 1.64
N PHE C 159 17.83 -13.98 1.71
CA PHE C 159 18.49 -13.87 3.00
C PHE C 159 18.25 -12.50 3.59
N HIS C 160 18.41 -11.45 2.78
CA HIS C 160 18.22 -10.10 3.28
C HIS C 160 16.76 -9.79 3.55
N GLU C 161 15.83 -10.39 2.81
CA GLU C 161 14.44 -10.19 3.17
C GLU C 161 14.17 -10.83 4.52
N ALA C 162 14.72 -12.02 4.74
CA ALA C 162 14.56 -12.67 6.03
C ALA C 162 15.13 -11.80 7.14
N LEU C 163 16.33 -11.25 6.94
CA LEU C 163 16.89 -10.50 8.05
C LEU C 163 16.19 -9.16 8.23
N GLU C 164 15.65 -8.58 7.16
CA GLU C 164 15.04 -7.27 7.33
C GLU C 164 13.68 -7.40 8.01
N SER C 165 12.96 -8.49 7.74
CA SER C 165 11.77 -8.78 8.55
C SER C 165 12.14 -9.13 9.97
N ILE C 166 13.29 -9.77 10.18
CA ILE C 166 13.65 -10.16 11.54
C ILE C 166 14.14 -8.97 12.34
N LEU C 167 14.82 -8.00 11.70
CA LEU C 167 15.33 -6.87 12.48
C LEU C 167 14.49 -5.58 12.54
N SER C 168 13.31 -5.57 11.96
CA SER C 168 12.44 -4.42 11.98
C SER C 168 11.75 -4.29 13.30
N PRO C 169 11.76 -3.06 13.79
CA PRO C 169 11.22 -2.62 15.08
C PRO C 169 9.98 -3.16 15.73
N GLN C 170 8.91 -3.52 15.03
CA GLN C 170 7.68 -3.90 15.75
C GLN C 170 7.26 -5.34 15.91
N GLU C 171 7.53 -6.17 14.92
CA GLU C 171 7.15 -7.56 14.94
C GLU C 171 7.61 -8.25 16.22
N ASN C 179 9.22 -20.53 6.11
CA ASN C 179 9.74 -20.65 7.47
C ASN C 179 11.20 -20.20 7.39
N LEU C 180 11.51 -19.00 7.87
CA LEU C 180 12.85 -18.45 7.70
C LEU C 180 13.87 -19.24 8.50
N LEU C 181 13.46 -19.82 9.61
CA LEU C 181 14.40 -20.57 10.43
C LEU C 181 14.78 -21.88 9.78
N LYS C 182 14.13 -22.24 8.68
CA LYS C 182 14.48 -23.41 7.90
C LYS C 182 15.53 -23.07 6.85
N SER C 183 15.90 -21.81 6.76
CA SER C 183 16.97 -21.39 5.87
C SER C 183 18.30 -21.75 6.49
N GLY C 184 19.10 -22.52 5.76
CA GLY C 184 20.43 -22.80 6.24
C GLY C 184 21.19 -21.53 6.60
N TYR C 185 20.97 -20.45 5.84
CA TYR C 185 21.65 -19.22 6.16
C TYR C 185 21.20 -18.65 7.50
N ILE C 186 19.90 -18.75 7.84
CA ILE C 186 19.42 -18.17 9.09
C ILE C 186 19.89 -19.01 10.28
N GLU C 187 19.78 -20.33 10.16
CA GLU C 187 20.37 -21.26 11.13
C GLU C 187 21.82 -20.89 11.42
N SER C 188 22.55 -20.49 10.37
CA SER C 188 23.97 -20.24 10.38
C SER C 188 24.36 -18.91 11.01
N VAL C 189 23.45 -17.93 11.10
CA VAL C 189 23.76 -16.63 11.70
C VAL C 189 23.10 -16.44 13.05
N GLN C 190 22.34 -17.43 13.50
CA GLN C 190 21.50 -17.23 14.67
C GLN C 190 22.34 -16.82 15.87
N HIS C 191 23.55 -17.38 15.99
CA HIS C 191 24.41 -16.96 17.09
C HIS C 191 24.79 -15.48 16.96
N ILE C 192 25.21 -15.07 15.77
CA ILE C 192 25.52 -13.65 15.56
C ILE C 192 24.26 -12.80 15.68
N LEU C 193 23.12 -13.32 15.18
CA LEU C 193 21.91 -12.50 15.13
C LEU C 193 21.40 -12.17 16.50
N LYS C 194 21.61 -13.06 17.47
CA LYS C 194 21.22 -12.75 18.84
C LYS C 194 22.17 -11.77 19.50
N ASP C 195 23.29 -11.42 18.86
CA ASP C 195 24.16 -10.35 19.37
C ASP C 195 23.86 -8.97 18.76
N VAL C 196 22.77 -8.83 18.00
CA VAL C 196 22.45 -7.60 17.27
C VAL C 196 21.23 -6.92 17.91
N SER C 197 21.36 -5.62 18.19
CA SER C 197 20.25 -4.83 18.74
C SER C 197 20.44 -3.35 18.36
N GLY C 198 19.47 -2.53 18.76
CA GLY C 198 19.55 -1.10 18.55
C GLY C 198 19.61 -0.73 17.08
N VAL C 199 18.79 -1.37 16.26
CA VAL C 199 18.86 -1.16 14.81
C VAL C 199 18.47 0.27 14.45
N ARG C 200 19.41 1.03 13.90
CA ARG C 200 19.19 2.41 13.50
C ARG C 200 18.81 2.58 12.02
N ALA C 201 19.18 1.65 11.17
CA ALA C 201 18.92 1.78 9.74
C ALA C 201 18.91 0.40 9.10
N LEU C 202 18.01 0.22 8.14
CA LEU C 202 17.95 -1.00 7.34
C LEU C 202 17.75 -0.60 5.88
N GLU C 203 18.58 -1.15 5.00
CA GLU C 203 18.41 -0.94 3.57
C GLU C 203 18.23 0.55 3.26
N SER C 204 19.19 1.36 3.73
CA SER C 204 19.07 2.82 3.75
C SER C 204 20.12 3.53 2.89
N ALA C 205 19.67 4.49 2.10
CA ALA C 205 20.52 5.14 1.11
C ALA C 205 21.50 6.06 1.80
N VAL C 206 22.66 6.21 1.19
CA VAL C 206 23.70 7.04 1.76
C VAL C 206 24.40 7.80 0.64
N GLN C 207 24.73 9.07 0.88
CA GLN C 207 25.36 9.90 -0.12
C GLN C 207 26.48 10.71 0.50
N HIS C 208 27.63 10.75 -0.15
CA HIS C 208 28.74 11.53 0.34
C HIS C 208 28.86 12.80 -0.51
N GLU C 209 28.60 13.95 0.11
CA GLU C 209 28.55 15.22 -0.61
C GLU C 209 29.91 15.58 -1.20
N THR C 210 30.92 15.72 -0.34
CA THR C 210 32.22 16.18 -0.78
C THR C 210 32.88 15.16 -1.70
N LEU C 211 32.71 13.87 -1.38
CA LEU C 211 33.43 12.82 -2.09
C LEU C 211 32.63 12.24 -3.22
N ASN C 212 31.34 12.56 -3.32
CA ASN C 212 30.62 12.29 -4.56
C ASN C 212 30.57 10.80 -4.88
N TYR C 213 29.88 10.06 -4.01
CA TYR C 213 29.48 8.70 -4.32
C TYR C 213 28.26 8.34 -3.46
N ILE C 214 27.50 7.36 -3.91
CA ILE C 214 26.31 6.92 -3.18
C ILE C 214 26.41 5.42 -2.88
N GLY C 215 25.51 4.98 -2.02
CA GLY C 215 25.41 3.58 -1.67
C GLY C 215 24.10 3.30 -0.99
N LEU C 216 23.82 2.00 -0.85
CA LEU C 216 22.68 1.54 -0.07
C LEU C 216 23.23 0.55 0.96
N LEU C 217 23.29 0.97 2.22
CA LEU C 217 23.91 0.15 3.25
C LEU C 217 22.97 -0.93 3.76
N ASP C 218 23.56 -2.10 4.02
CA ASP C 218 22.81 -3.25 4.47
C ASP C 218 22.09 -2.96 5.77
N CYS C 219 22.84 -2.55 6.78
CA CYS C 219 22.23 -2.54 8.11
C CYS C 219 23.13 -1.77 9.06
N VAL C 220 22.54 -0.93 9.91
CA VAL C 220 23.28 -0.22 10.94
C VAL C 220 22.69 -0.57 12.31
N ALA C 221 23.42 -1.36 13.09
CA ALA C 221 22.93 -1.77 14.41
C ALA C 221 24.11 -1.98 15.35
N GLU C 222 23.79 -2.20 16.63
CA GLU C 222 24.77 -2.49 17.68
C GLU C 222 25.03 -3.98 17.76
N TYR C 223 26.30 -4.37 17.76
CA TYR C 223 26.70 -5.76 17.94
C TYR C 223 27.64 -5.81 19.14
N GLN C 224 27.35 -6.70 20.09
CA GLN C 224 28.05 -6.66 21.36
C GLN C 224 28.13 -5.22 21.88
N GLY C 225 27.00 -4.51 21.84
CA GLY C 225 26.94 -3.16 22.35
C GLY C 225 27.53 -2.07 21.48
N LYS C 226 28.47 -2.38 20.58
CA LYS C 226 29.10 -1.36 19.75
C LYS C 226 28.34 -1.23 18.43
N LEU C 227 27.86 -0.02 18.14
CA LEU C 227 27.05 0.24 16.95
C LEU C 227 27.91 0.14 15.69
N CYS C 228 27.46 -0.64 14.70
CA CYS C 228 28.24 -0.92 13.50
C CYS C 228 27.40 -0.81 12.23
N VAL C 229 28.08 -0.50 11.11
CA VAL C 229 27.56 -0.80 9.78
C VAL C 229 27.84 -2.27 9.54
N ILE C 230 26.79 -3.05 9.32
CA ILE C 230 26.91 -4.49 9.21
C ILE C 230 26.64 -4.86 7.76
N ASP C 231 27.43 -5.78 7.23
CA ASP C 231 27.30 -6.23 5.84
C ASP C 231 27.08 -7.74 5.89
N TRP C 232 25.84 -8.17 5.62
CA TRP C 232 25.46 -9.59 5.65
C TRP C 232 25.65 -10.22 4.28
N LYS C 233 26.18 -11.46 4.27
CA LYS C 233 26.66 -12.13 3.08
C LYS C 233 26.31 -13.60 3.14
N THR C 234 25.79 -14.15 2.05
CA THR C 234 25.78 -15.59 1.91
C THR C 234 27.05 -16.00 1.20
N SER C 235 27.49 -17.23 1.43
CA SER C 235 28.66 -17.71 0.70
C SER C 235 28.64 -19.23 0.62
N GLU C 236 29.15 -19.73 -0.50
CA GLU C 236 29.15 -21.16 -0.73
C GLU C 236 30.36 -21.83 -0.09
N LYS C 237 31.46 -21.10 0.08
CA LYS C 237 32.65 -21.67 0.66
C LYS C 237 33.11 -20.83 1.84
N PRO C 238 33.80 -21.43 2.81
CA PRO C 238 34.02 -20.72 4.07
C PRO C 238 34.99 -19.58 3.87
N LYS C 239 34.74 -18.50 4.63
CA LYS C 239 35.55 -17.29 4.59
C LYS C 239 35.96 -16.96 6.01
N PRO C 240 36.88 -17.75 6.56
CA PRO C 240 37.23 -17.57 7.98
C PRO C 240 38.04 -16.34 8.25
N PHE C 241 38.79 -15.83 7.29
CA PHE C 241 39.55 -14.61 7.50
C PHE C 241 39.00 -13.51 6.63
N ILE C 242 39.23 -12.27 7.06
CA ILE C 242 38.58 -11.14 6.41
C ILE C 242 39.17 -10.91 5.02
N GLN C 243 40.44 -11.25 4.81
CA GLN C 243 40.95 -11.06 3.45
C GLN C 243 40.33 -12.05 2.48
N SER C 244 39.62 -13.01 3.00
CA SER C 244 38.87 -13.91 2.16
C SER C 244 37.65 -13.22 1.59
N THR C 245 37.27 -12.10 2.17
CA THR C 245 36.09 -11.38 1.71
C THR C 245 36.36 -10.35 0.67
N PHE C 246 37.61 -10.24 0.25
CA PHE C 246 38.01 -9.33 -0.78
C PHE C 246 37.77 -7.84 -0.52
N ASP C 247 36.86 -7.24 -1.27
CA ASP C 247 36.55 -5.84 -1.13
C ASP C 247 35.48 -5.55 -0.13
N ASN C 248 35.01 -6.53 0.61
CA ASN C 248 33.93 -6.31 1.54
C ASN C 248 34.26 -5.28 2.56
N PRO C 249 35.47 -5.24 3.01
CA PRO C 249 35.90 -4.21 3.92
C PRO C 249 35.88 -2.87 3.22
N LEU C 250 36.26 -2.76 1.97
CA LEU C 250 36.22 -1.44 1.38
C LEU C 250 34.81 -0.97 1.16
N GLN C 251 33.86 -1.89 1.01
CA GLN C 251 32.48 -1.44 0.89
C GLN C 251 31.94 -0.90 2.22
N VAL C 252 32.24 -1.61 3.32
CA VAL C 252 31.76 -1.20 4.64
C VAL C 252 32.27 0.18 5.02
N VAL C 253 33.58 0.42 4.86
CA VAL C 253 34.11 1.72 5.30
C VAL C 253 33.65 2.82 4.36
N ALA C 254 33.35 2.48 3.11
CA ALA C 254 32.73 3.49 2.25
C ALA C 254 31.32 3.79 2.72
N TYR C 255 30.57 2.77 3.15
CA TYR C 255 29.23 3.06 3.67
C TYR C 255 29.30 3.85 4.97
N MET C 256 30.34 3.64 5.78
CA MET C 256 30.54 4.41 6.99
C MET C 256 30.92 5.84 6.64
N GLY C 257 32.09 6.03 6.03
CA GLY C 257 32.55 7.37 5.74
C GLY C 257 31.46 8.24 5.12
N ALA C 258 30.66 7.63 4.26
CA ALA C 258 29.56 8.36 3.62
C ALA C 258 28.42 8.64 4.60
N MET C 259 28.07 7.67 5.44
CA MET C 259 27.00 7.89 6.41
C MET C 259 27.39 8.96 7.44
N ASN C 260 28.61 8.87 7.99
CA ASN C 260 28.92 9.88 9.00
C ASN C 260 29.02 11.30 8.45
N HIS C 261 28.74 11.59 7.19
CA HIS C 261 28.71 12.96 6.71
C HIS C 261 27.45 13.27 5.93
N ASP C 262 26.61 12.26 5.65
CA ASP C 262 25.31 12.46 5.05
C ASP C 262 24.42 13.22 6.02
N THR C 263 23.78 14.28 5.53
CA THR C 263 22.96 15.13 6.39
C THR C 263 21.71 14.45 6.91
N ASN C 264 21.26 13.36 6.26
CA ASN C 264 20.05 12.66 6.69
C ASN C 264 20.29 11.78 7.90
N TYR C 265 21.51 11.74 8.42
CA TYR C 265 21.81 10.90 9.57
C TYR C 265 22.31 11.79 10.69
N SER C 266 21.62 11.71 11.85
CA SER C 266 21.97 12.43 13.05
C SER C 266 23.11 11.80 13.82
N PHE C 267 23.44 10.54 13.55
CA PHE C 267 24.44 9.80 14.32
C PHE C 267 25.64 9.42 13.47
N GLN C 268 26.71 9.01 14.15
CA GLN C 268 27.88 8.48 13.49
C GLN C 268 28.16 7.06 13.95
N VAL C 269 29.00 6.37 13.20
CA VAL C 269 29.40 5.00 13.49
C VAL C 269 30.92 4.89 13.37
N GLN C 270 31.53 4.06 14.23
CA GLN C 270 32.98 3.87 14.15
C GLN C 270 33.43 2.41 14.14
N CYS C 271 32.55 1.45 13.88
CA CYS C 271 32.99 0.06 13.70
C CYS C 271 32.25 -0.53 12.52
N GLY C 272 32.76 -1.64 12.01
CA GLY C 272 32.12 -2.34 10.92
C GLY C 272 32.05 -3.83 11.18
N LEU C 273 31.18 -4.50 10.46
CA LEU C 273 31.00 -5.92 10.70
C LEU C 273 30.57 -6.60 9.42
N ILE C 274 31.38 -7.54 8.96
CA ILE C 274 31.03 -8.39 7.83
C ILE C 274 30.63 -9.74 8.42
N VAL C 275 29.43 -10.22 8.12
CA VAL C 275 28.96 -11.51 8.61
C VAL C 275 28.74 -12.43 7.43
N VAL C 276 29.48 -13.53 7.37
CA VAL C 276 29.44 -14.46 6.26
C VAL C 276 28.67 -15.70 6.73
N ALA C 277 27.52 -15.95 6.11
CA ALA C 277 26.62 -17.04 6.46
C ALA C 277 26.68 -18.15 5.43
N TYR C 278 26.50 -19.38 5.88
CA TYR C 278 26.64 -20.54 4.99
C TYR C 278 25.32 -21.27 4.80
N LYS C 279 25.14 -21.82 3.60
CA LYS C 279 23.87 -22.43 3.23
C LYS C 279 23.68 -23.74 3.99
N ASP C 280 24.77 -24.34 4.45
CA ASP C 280 24.69 -25.63 5.11
C ASP C 280 24.27 -25.53 6.57
N GLY C 281 24.22 -24.33 7.13
CA GLY C 281 23.86 -24.17 8.51
C GLY C 281 25.03 -24.20 9.47
N SER C 282 26.25 -24.50 8.98
CA SER C 282 27.43 -24.44 9.84
C SER C 282 27.68 -23.01 10.30
N PRO C 283 28.30 -22.82 11.47
CA PRO C 283 28.36 -21.49 12.07
C PRO C 283 28.95 -20.47 11.11
N ALA C 284 28.44 -19.25 11.19
CA ALA C 284 28.86 -18.10 10.38
C ALA C 284 30.13 -17.47 10.96
N HIS C 285 30.86 -16.74 10.11
CA HIS C 285 32.10 -16.09 10.54
C HIS C 285 31.90 -14.59 10.79
N PRO C 286 32.01 -14.11 12.03
CA PRO C 286 31.96 -12.65 12.28
C PRO C 286 33.33 -12.04 12.00
N HIS C 287 33.37 -11.02 11.15
CA HIS C 287 34.61 -10.26 10.96
C HIS C 287 34.37 -8.84 11.45
N PHE C 288 34.82 -8.55 12.67
CA PHE C 288 34.59 -7.26 13.31
C PHE C 288 35.74 -6.31 13.10
N MET C 289 35.41 -5.04 12.84
CA MET C 289 36.38 -4.03 12.45
C MET C 289 36.33 -2.91 13.48
N ASP C 290 37.44 -2.68 14.18
CA ASP C 290 37.48 -1.59 15.15
C ASP C 290 37.74 -0.26 14.45
N ALA C 291 37.68 0.82 15.24
CA ALA C 291 37.77 2.15 14.65
C ALA C 291 39.05 2.33 13.83
N GLU C 292 40.15 1.72 14.30
CA GLU C 292 41.44 1.89 13.62
C GLU C 292 41.58 0.95 12.42
N LEU C 293 41.05 -0.28 12.50
CA LEU C 293 41.07 -1.13 11.32
C LEU C 293 40.11 -0.61 10.25
N CYS C 294 39.10 0.17 10.63
CA CYS C 294 38.31 0.87 9.62
C CYS C 294 39.09 2.03 9.02
N SER C 295 39.93 2.69 9.82
CA SER C 295 40.73 3.79 9.28
C SER C 295 41.68 3.29 8.22
N GLN C 296 42.28 2.11 8.43
CA GLN C 296 43.25 1.63 7.46
C GLN C 296 42.59 1.25 6.15
N TYR C 297 41.39 0.67 6.22
CA TYR C 297 40.66 0.36 4.98
C TYR C 297 40.13 1.62 4.30
N TRP C 298 39.81 2.67 5.09
CA TRP C 298 39.27 3.90 4.50
C TRP C 298 40.29 4.60 3.63
N THR C 299 41.57 4.63 4.04
CA THR C 299 42.60 5.21 3.18
C THR C 299 42.74 4.40 1.91
N LYS C 300 42.61 3.06 2.00
CA LYS C 300 42.65 2.23 0.79
C LYS C 300 41.44 2.49 -0.10
N TRP C 301 40.29 2.85 0.49
CA TRP C 301 39.12 3.16 -0.31
C TRP C 301 39.25 4.54 -0.94
N LEU C 302 39.87 5.51 -0.26
CA LEU C 302 40.11 6.77 -0.94
C LEU C 302 41.08 6.58 -2.11
N LEU C 303 41.97 5.59 -2.01
CA LEU C 303 42.77 5.29 -3.18
C LEU C 303 41.89 4.71 -4.27
N ARG C 304 40.90 3.89 -3.91
CA ARG C 304 40.10 3.30 -4.97
C ARG C 304 39.17 4.31 -5.60
N LEU C 305 38.74 5.30 -4.84
CA LEU C 305 37.92 6.33 -5.45
C LEU C 305 38.77 7.21 -6.37
N GLU C 306 40.04 7.41 -6.03
CA GLU C 306 40.84 8.26 -6.88
C GLU C 306 41.26 7.53 -8.15
N GLU C 307 41.49 6.21 -8.09
CA GLU C 307 41.72 5.50 -9.34
C GLU C 307 40.54 5.66 -10.29
N TYR C 308 39.32 5.64 -9.74
CA TYR C 308 38.13 5.75 -10.58
C TYR C 308 38.05 7.11 -11.25
N THR C 309 38.23 8.20 -10.47
CA THR C 309 38.22 9.52 -11.10
C THR C 309 39.30 9.60 -12.18
N GLU C 310 40.48 9.04 -11.90
CA GLU C 310 41.52 8.94 -12.91
C GLU C 310 41.05 8.16 -14.12
N LYS C 311 40.27 7.09 -13.92
CA LYS C 311 39.76 6.32 -15.06
C LYS C 311 38.63 7.06 -15.79
N LYS C 312 38.20 8.22 -15.30
CA LYS C 312 37.19 9.01 -15.97
C LYS C 312 37.81 10.12 -16.83
N LYS C 313 39.12 10.28 -16.80
CA LYS C 313 39.77 11.22 -17.69
C LYS C 313 40.59 10.50 -18.78
N VAL D 76 49.22 8.13 1.60
CA VAL D 76 49.34 7.68 0.23
C VAL D 76 48.44 8.47 -0.75
N PRO D 77 47.22 8.78 -0.37
CA PRO D 77 46.31 9.54 -1.24
C PRO D 77 46.58 11.01 -1.43
N GLN D 78 46.25 11.50 -2.60
CA GLN D 78 46.41 12.89 -2.94
C GLN D 78 45.58 13.80 -2.08
N ASN D 79 44.33 13.41 -1.89
CA ASN D 79 43.39 14.19 -1.10
C ASN D 79 42.65 13.38 -0.06
N TRP D 80 42.45 13.97 1.11
CA TRP D 80 41.97 13.18 2.23
C TRP D 80 40.75 13.87 2.86
N PHE D 81 39.76 13.08 3.29
CA PHE D 81 38.59 13.53 4.03
C PHE D 81 38.31 12.52 5.12
N PRO D 82 37.73 12.92 6.26
CA PRO D 82 37.62 12.02 7.42
C PRO D 82 36.49 11.00 7.34
N ILE D 83 36.77 9.78 7.82
CA ILE D 83 35.73 8.74 7.91
C ILE D 83 34.81 8.93 9.12
N PHE D 84 35.35 9.41 10.24
CA PHE D 84 34.58 9.66 11.45
C PHE D 84 34.22 11.14 11.55
N ASN D 85 33.11 11.41 12.26
CA ASN D 85 32.51 12.76 12.36
C ASN D 85 32.30 13.14 13.82
N PRO D 86 33.37 13.27 14.61
CA PRO D 86 33.20 13.21 16.07
C PRO D 86 32.29 14.31 16.64
N GLU D 87 31.72 15.14 15.76
CA GLU D 87 30.66 16.07 16.13
C GLU D 87 29.33 15.36 16.31
N ARG D 88 29.34 14.10 16.73
CA ARG D 88 28.11 13.32 16.88
C ARG D 88 28.17 12.36 18.07
N PRO D 100 13.85 3.44 12.77
CA PRO D 100 14.82 2.69 11.97
C PRO D 100 14.80 3.21 10.54
N LEU D 101 15.82 3.98 10.19
CA LEU D 101 15.88 4.66 8.90
C LEU D 101 15.79 3.72 7.71
N LYS D 102 14.98 4.11 6.72
CA LYS D 102 14.92 3.40 5.45
C LYS D 102 14.81 4.40 4.30
N ILE D 103 15.85 5.20 4.15
CA ILE D 103 15.91 6.28 3.15
C ILE D 103 16.00 5.68 1.76
N PRO D 104 15.16 6.09 0.81
CA PRO D 104 15.28 5.56 -0.55
C PRO D 104 16.40 6.25 -1.32
N LEU D 105 16.98 5.49 -2.27
CA LEU D 105 18.02 6.04 -3.13
C LEU D 105 17.53 7.26 -3.89
N GLN D 106 16.23 7.27 -4.24
CA GLN D 106 15.68 8.31 -5.10
C GLN D 106 15.65 9.67 -4.40
N ARG D 107 15.65 9.69 -3.07
CA ARG D 107 15.72 10.94 -2.34
C ARG D 107 16.98 11.73 -2.62
N ASN D 108 18.06 11.08 -3.07
CA ASN D 108 19.33 11.78 -3.20
C ASN D 108 19.71 12.09 -4.64
N VAL D 109 18.91 11.68 -5.62
CA VAL D 109 19.22 11.99 -7.02
C VAL D 109 18.83 13.44 -7.34
N ILE D 110 19.61 14.04 -8.23
CA ILE D 110 19.46 15.37 -8.79
C ILE D 110 18.15 15.41 -9.57
N PRO D 111 17.21 16.31 -9.28
CA PRO D 111 15.93 16.28 -10.00
C PRO D 111 16.11 16.67 -11.47
N SER D 112 15.14 16.27 -12.27
CA SER D 112 15.14 16.53 -13.70
C SER D 112 14.15 17.64 -14.00
N VAL D 113 14.27 18.24 -15.20
CA VAL D 113 13.42 19.36 -15.56
C VAL D 113 11.96 18.95 -15.52
N THR D 114 11.65 17.77 -16.07
CA THR D 114 10.26 17.32 -16.09
C THR D 114 9.71 17.13 -14.69
N ARG D 115 10.41 16.36 -13.85
CA ARG D 115 9.89 16.07 -12.52
C ARG D 115 9.54 17.36 -11.76
N VAL D 116 10.51 18.26 -11.62
CA VAL D 116 10.29 19.56 -11.01
C VAL D 116 9.02 20.15 -11.59
N LEU D 117 8.91 20.10 -12.93
CA LEU D 117 7.73 20.75 -13.52
C LEU D 117 6.45 19.99 -13.20
N GLN D 118 6.48 18.66 -13.16
CA GLN D 118 5.20 17.97 -13.00
C GLN D 118 4.71 18.00 -11.56
N GLN D 119 5.59 18.19 -10.58
CA GLN D 119 5.18 18.27 -9.19
C GLN D 119 5.04 19.72 -8.72
N THR D 120 4.99 20.67 -9.66
CA THR D 120 4.73 22.07 -9.34
C THR D 120 3.57 22.63 -10.17
N MET D 121 2.77 21.76 -10.81
CA MET D 121 1.66 22.21 -11.64
C MET D 121 0.62 22.93 -10.80
N THR D 122 -0.01 23.95 -11.37
CA THR D 122 -0.99 24.70 -10.61
C THR D 122 -2.23 23.85 -10.38
N LYS D 123 -2.99 24.24 -9.35
CA LYS D 123 -4.21 23.50 -9.01
C LYS D 123 -5.18 23.47 -10.17
N GLN D 124 -5.30 24.57 -10.92
CA GLN D 124 -6.25 24.55 -12.03
C GLN D 124 -5.75 23.67 -13.17
N GLN D 125 -4.44 23.59 -13.35
CA GLN D 125 -3.92 22.78 -14.45
C GLN D 125 -4.09 21.29 -14.17
N VAL D 126 -3.87 20.83 -12.92
CA VAL D 126 -4.10 19.43 -12.58
C VAL D 126 -5.58 19.07 -12.67
N PHE D 127 -6.45 20.00 -12.31
CA PHE D 127 -7.87 19.72 -12.42
C PHE D 127 -8.24 19.50 -13.88
N LEU D 128 -7.81 20.42 -14.75
CA LEU D 128 -8.17 20.31 -16.15
C LEU D 128 -7.66 19.01 -16.76
N LEU D 129 -6.44 18.63 -16.39
CA LEU D 129 -5.88 17.40 -16.93
C LEU D 129 -6.62 16.20 -16.40
N GLU D 130 -7.04 16.27 -15.15
CA GLU D 130 -7.70 15.15 -14.49
C GLU D 130 -9.14 15.01 -14.95
N ARG D 131 -9.84 16.13 -15.16
CA ARG D 131 -11.17 16.05 -15.78
C ARG D 131 -11.08 15.49 -17.20
N TRP D 132 -10.07 15.92 -17.98
CA TRP D 132 -9.90 15.33 -19.31
C TRP D 132 -9.63 13.83 -19.23
N LYS D 133 -8.80 13.40 -18.28
CA LYS D 133 -8.51 11.96 -18.16
C LYS D 133 -9.77 11.17 -17.87
N GLN D 134 -10.61 11.65 -16.94
CA GLN D 134 -11.78 10.86 -16.58
C GLN D 134 -12.79 10.83 -17.72
N ARG D 135 -12.87 11.90 -18.50
CA ARG D 135 -13.78 11.91 -19.65
C ARG D 135 -13.31 10.92 -20.72
N MET D 136 -12.00 10.78 -20.88
CA MET D 136 -11.47 9.82 -21.83
C MET D 136 -11.73 8.38 -21.38
N ILE D 137 -11.60 8.11 -20.09
CA ILE D 137 -11.86 6.76 -19.61
C ILE D 137 -13.32 6.40 -19.83
N LEU D 138 -14.18 7.41 -19.88
CA LEU D 138 -15.61 7.18 -20.10
C LEU D 138 -15.91 6.81 -21.56
N GLU D 139 -15.14 7.36 -22.50
CA GLU D 139 -15.28 7.05 -23.93
C GLU D 139 -14.58 5.76 -24.33
N LEU D 140 -13.56 5.35 -23.58
CA LEU D 140 -12.74 4.21 -23.96
C LEU D 140 -12.61 3.11 -22.90
N GLY D 141 -13.12 3.29 -21.68
CA GLY D 141 -12.90 2.31 -20.63
C GLY D 141 -11.49 2.44 -20.08
N GLU D 142 -11.18 1.88 -18.90
CA GLU D 142 -9.84 2.11 -18.35
C GLU D 142 -8.76 1.50 -19.23
N ASP D 143 -9.08 0.48 -20.01
CA ASP D 143 -8.05 -0.06 -20.90
C ASP D 143 -7.94 0.70 -22.21
N GLY D 144 -9.06 1.13 -22.78
CA GLY D 144 -9.01 1.90 -24.01
C GLY D 144 -8.18 3.16 -23.88
N PHE D 145 -8.36 3.90 -22.77
CA PHE D 145 -7.55 5.07 -22.46
C PHE D 145 -6.11 4.67 -22.18
N LYS D 146 -5.89 3.44 -21.73
CA LYS D 146 -4.53 2.96 -21.50
C LYS D 146 -3.77 2.84 -22.81
N GLU D 147 -4.35 2.14 -23.78
CA GLU D 147 -3.66 2.01 -25.05
C GLU D 147 -3.62 3.33 -25.80
N TYR D 148 -4.56 4.22 -25.53
CA TYR D 148 -4.43 5.58 -26.03
C TYR D 148 -3.17 6.22 -25.48
N THR D 149 -2.96 6.07 -24.17
CA THR D 149 -1.77 6.65 -23.57
C THR D 149 -0.50 6.08 -24.18
N SER D 150 -0.49 4.78 -24.49
CA SER D 150 0.71 4.17 -25.07
C SER D 150 1.02 4.79 -26.40
N ASN D 151 -0.03 5.06 -27.21
CA ASN D 151 0.17 5.49 -28.59
C ASN D 151 0.68 6.92 -28.66
N VAL D 152 0.16 7.83 -27.81
CA VAL D 152 0.70 9.18 -27.78
C VAL D 152 2.18 9.15 -27.41
N PHE D 153 2.52 8.43 -26.33
CA PHE D 153 3.90 8.24 -25.93
C PHE D 153 4.72 7.63 -27.04
N LEU D 154 4.17 6.63 -27.73
CA LEU D 154 4.93 5.95 -28.78
C LEU D 154 5.13 6.86 -29.99
N GLN D 155 4.07 7.56 -30.39
CA GLN D 155 4.17 8.46 -31.53
C GLN D 155 5.15 9.58 -31.26
N GLY D 156 5.07 10.18 -30.07
CA GLY D 156 6.04 11.18 -29.71
C GLY D 156 7.43 10.62 -29.63
N LYS D 157 7.56 9.36 -29.21
CA LYS D 157 8.87 8.72 -29.17
C LYS D 157 9.39 8.49 -30.58
N ARG D 158 8.55 7.91 -31.46
CA ARG D 158 8.95 7.76 -32.86
C ARG D 158 9.25 9.08 -33.54
N PHE D 159 8.55 10.15 -33.18
CA PHE D 159 8.85 11.44 -33.79
C PHE D 159 10.27 11.90 -33.46
N HIS D 160 10.69 11.76 -32.20
CA HIS D 160 12.01 12.24 -31.83
C HIS D 160 13.13 11.34 -32.38
N GLU D 161 12.89 10.03 -32.49
CA GLU D 161 13.88 9.18 -33.15
C GLU D 161 14.02 9.58 -34.61
N ALA D 162 12.92 9.95 -35.24
CA ALA D 162 13.01 10.43 -36.61
C ALA D 162 13.93 11.64 -36.71
N LEU D 163 13.71 12.65 -35.85
CA LEU D 163 14.49 13.86 -36.02
C LEU D 163 15.92 13.71 -35.54
N GLU D 164 16.17 12.77 -34.64
CA GLU D 164 17.57 12.60 -34.30
C GLU D 164 18.28 11.80 -35.41
N SER D 165 17.56 10.88 -36.06
CA SER D 165 18.14 10.21 -37.22
C SER D 165 18.40 11.21 -38.35
N ILE D 166 17.48 12.15 -38.56
CA ILE D 166 17.61 13.07 -39.69
C ILE D 166 18.66 14.13 -39.41
N LEU D 167 18.86 14.50 -38.14
CA LEU D 167 19.87 15.50 -37.82
C LEU D 167 21.21 14.89 -37.41
N SER D 168 21.35 13.56 -37.40
CA SER D 168 22.68 12.99 -37.21
C SER D 168 23.50 13.19 -38.48
N PRO D 169 24.66 13.84 -38.42
CA PRO D 169 25.55 13.88 -39.57
C PRO D 169 26.30 12.56 -39.68
N GLN D 170 26.90 12.35 -40.84
CA GLN D 170 27.66 11.13 -41.12
C GLN D 170 29.17 11.37 -41.04
N GLU D 178 10.16 1.77 -43.56
CA GLU D 178 9.92 2.28 -42.21
C GLU D 178 10.17 3.75 -42.36
N ASN D 179 9.87 4.17 -43.59
CA ASN D 179 10.06 5.48 -44.18
C ASN D 179 9.63 6.60 -43.25
N LEU D 180 10.60 7.36 -42.75
CA LEU D 180 10.31 8.47 -41.83
C LEU D 180 9.48 9.56 -42.50
N LEU D 181 9.56 9.70 -43.84
CA LEU D 181 8.77 10.69 -44.55
C LEU D 181 7.31 10.34 -44.70
N LYS D 182 6.88 9.14 -44.29
CA LYS D 182 5.47 8.83 -44.23
C LYS D 182 4.85 9.22 -42.88
N SER D 183 5.62 9.79 -41.98
CA SER D 183 5.06 10.32 -40.75
C SER D 183 4.37 11.64 -41.02
N GLY D 184 3.12 11.75 -40.56
CA GLY D 184 2.43 13.02 -40.65
C GLY D 184 3.19 14.11 -39.93
N TYR D 185 3.84 13.77 -38.81
CA TYR D 185 4.58 14.78 -38.07
C TYR D 185 5.75 15.31 -38.88
N ILE D 186 6.44 14.44 -39.62
CA ILE D 186 7.58 14.87 -40.40
C ILE D 186 7.11 15.66 -41.61
N GLU D 187 6.06 15.18 -42.29
CA GLU D 187 5.39 16.00 -43.28
C GLU D 187 5.11 17.38 -42.71
N SER D 188 4.73 17.44 -41.43
CA SER D 188 4.36 18.68 -40.78
C SER D 188 5.56 19.55 -40.41
N VAL D 189 6.75 18.97 -40.23
CA VAL D 189 7.88 19.77 -39.79
C VAL D 189 8.86 20.05 -40.89
N GLN D 190 8.65 19.52 -42.11
CA GLN D 190 9.69 19.64 -43.15
C GLN D 190 10.02 21.08 -43.51
N HIS D 191 9.03 21.97 -43.52
CA HIS D 191 9.32 23.37 -43.84
C HIS D 191 10.31 23.96 -42.84
N ILE D 192 9.95 23.94 -41.56
CA ILE D 192 10.85 24.42 -40.52
C ILE D 192 12.18 23.67 -40.57
N LEU D 193 12.11 22.36 -40.82
CA LEU D 193 13.27 21.49 -40.67
C LEU D 193 14.38 21.81 -41.64
N LYS D 194 14.06 22.30 -42.83
CA LYS D 194 15.11 22.68 -43.77
C LYS D 194 15.78 23.99 -43.37
N ASP D 195 15.23 24.69 -42.38
CA ASP D 195 15.82 25.92 -41.82
C ASP D 195 16.78 25.64 -40.68
N VAL D 196 17.09 24.38 -40.43
CA VAL D 196 17.92 23.97 -39.31
C VAL D 196 19.22 23.43 -39.87
N SER D 197 20.32 23.94 -39.36
CA SER D 197 21.63 23.44 -39.71
C SER D 197 22.55 23.75 -38.53
N GLY D 198 23.78 23.28 -38.63
CA GLY D 198 24.72 23.57 -37.57
C GLY D 198 24.36 22.95 -36.25
N VAL D 199 23.99 21.66 -36.30
CA VAL D 199 23.62 20.94 -35.10
C VAL D 199 24.86 20.79 -34.23
N ARG D 200 24.70 21.03 -32.92
CA ARG D 200 25.80 20.86 -31.98
C ARG D 200 25.53 19.80 -30.91
N ALA D 201 24.29 19.63 -30.48
CA ALA D 201 23.96 18.56 -29.54
C ALA D 201 22.65 17.90 -29.95
N LEU D 202 22.60 16.58 -29.79
CA LEU D 202 21.40 15.80 -30.04
C LEU D 202 21.20 14.86 -28.88
N GLU D 203 20.02 14.91 -28.28
CA GLU D 203 19.68 14.04 -27.17
C GLU D 203 20.81 14.02 -26.14
N SER D 204 21.19 15.21 -25.68
CA SER D 204 22.40 15.38 -24.88
C SER D 204 22.06 15.92 -23.50
N ALA D 205 22.70 15.31 -22.49
CA ALA D 205 22.39 15.60 -21.10
C ALA D 205 22.93 16.95 -20.69
N VAL D 206 22.26 17.55 -19.69
CA VAL D 206 22.70 18.81 -19.13
C VAL D 206 22.56 18.73 -17.63
N GLN D 207 23.50 19.37 -16.92
CA GLN D 207 23.49 19.47 -15.47
C GLN D 207 23.80 20.91 -15.10
N HIS D 208 22.99 21.48 -14.22
CA HIS D 208 23.20 22.86 -13.77
C HIS D 208 23.84 22.79 -12.39
N GLU D 209 25.15 22.98 -12.36
CA GLU D 209 25.96 22.82 -11.15
C GLU D 209 25.33 23.52 -9.95
N THR D 210 25.33 24.86 -9.98
CA THR D 210 24.87 25.61 -8.83
C THR D 210 23.39 25.40 -8.58
N LEU D 211 22.59 25.25 -9.63
CA LEU D 211 21.14 25.21 -9.44
C LEU D 211 20.58 23.82 -9.24
N ASN D 212 21.38 22.77 -9.47
CA ASN D 212 21.06 21.42 -9.00
C ASN D 212 19.80 20.85 -9.66
N TYR D 213 19.91 20.61 -10.97
CA TYR D 213 18.94 19.82 -11.71
C TYR D 213 19.57 19.32 -13.00
N ILE D 214 18.99 18.26 -13.56
CA ILE D 214 19.48 17.70 -14.81
C ILE D 214 18.37 17.70 -15.84
N GLY D 215 18.75 17.42 -17.08
CA GLY D 215 17.83 17.32 -18.19
C GLY D 215 18.46 16.62 -19.37
N LEU D 216 17.61 16.27 -20.32
CA LEU D 216 18.05 15.73 -21.61
C LEU D 216 17.40 16.59 -22.69
N LEU D 217 18.18 17.47 -23.29
CA LEU D 217 17.63 18.37 -24.29
C LEU D 217 17.56 17.68 -25.64
N ASP D 218 16.47 17.93 -26.37
CA ASP D 218 16.33 17.33 -27.68
C ASP D 218 17.49 17.72 -28.58
N CYS D 219 17.71 19.02 -28.77
CA CYS D 219 18.62 19.41 -29.83
C CYS D 219 19.03 20.88 -29.69
N VAL D 220 20.30 21.16 -29.95
CA VAL D 220 20.82 22.53 -29.97
C VAL D 220 21.35 22.77 -31.37
N ALA D 221 20.64 23.57 -32.14
CA ALA D 221 21.03 23.79 -33.52
C ALA D 221 20.70 25.23 -33.88
N GLU D 222 21.17 25.65 -35.06
CA GLU D 222 20.90 27.00 -35.54
C GLU D 222 19.65 26.97 -36.39
N TYR D 223 18.68 27.84 -36.03
CA TYR D 223 17.45 28.02 -36.78
C TYR D 223 17.37 29.48 -37.19
N GLN D 224 17.29 29.74 -38.50
CA GLN D 224 17.29 31.10 -39.07
C GLN D 224 18.51 31.91 -38.59
N GLY D 225 19.63 31.24 -38.32
CA GLY D 225 20.86 31.91 -37.96
C GLY D 225 21.09 32.02 -36.47
N LYS D 226 20.03 31.99 -35.66
CA LYS D 226 20.12 32.15 -34.21
C LYS D 226 20.28 30.77 -33.58
N LEU D 227 21.35 30.57 -32.81
CA LEU D 227 21.55 29.28 -32.17
C LEU D 227 20.58 29.15 -31.00
N CYS D 228 19.79 28.05 -30.98
CA CYS D 228 18.76 27.89 -29.95
C CYS D 228 18.69 26.43 -29.51
N VAL D 229 18.21 26.21 -28.29
CA VAL D 229 17.77 24.88 -27.90
C VAL D 229 16.36 24.67 -28.45
N ILE D 230 16.17 23.57 -29.18
CA ILE D 230 14.93 23.29 -29.88
C ILE D 230 14.26 22.14 -29.17
N ASP D 231 12.94 22.29 -28.95
CA ASP D 231 12.08 21.32 -28.26
C ASP D 231 11.03 20.90 -29.29
N TRP D 232 11.15 19.70 -29.84
CA TRP D 232 10.18 19.20 -30.81
C TRP D 232 9.02 18.54 -30.06
N LYS D 233 7.80 18.84 -30.47
CA LYS D 233 6.63 18.29 -29.80
C LYS D 233 5.55 17.96 -30.81
N THR D 234 5.00 16.77 -30.63
CA THR D 234 3.79 16.33 -31.30
C THR D 234 2.60 16.81 -30.50
N SER D 235 1.47 17.01 -31.20
CA SER D 235 0.27 17.49 -30.54
C SER D 235 -0.95 17.07 -31.32
N GLU D 236 -2.02 16.75 -30.61
CA GLU D 236 -3.27 16.38 -31.27
C GLU D 236 -4.15 17.58 -31.55
N LYS D 237 -4.06 18.62 -30.73
CA LYS D 237 -4.79 19.84 -31.01
C LYS D 237 -3.85 21.00 -31.34
N PRO D 238 -4.29 21.95 -32.18
CA PRO D 238 -3.39 23.03 -32.61
C PRO D 238 -2.91 23.87 -31.45
N LYS D 239 -1.69 24.39 -31.60
CA LYS D 239 -1.06 25.26 -30.59
C LYS D 239 -0.58 26.50 -31.34
N PRO D 240 -1.48 27.40 -31.71
CA PRO D 240 -1.07 28.50 -32.63
C PRO D 240 -0.23 29.58 -31.97
N PHE D 241 -0.38 29.81 -30.67
CA PHE D 241 0.38 30.82 -29.94
C PHE D 241 1.30 30.13 -28.92
N ILE D 242 2.32 30.86 -28.47
CA ILE D 242 3.29 30.22 -27.59
C ILE D 242 2.66 29.90 -26.24
N GLN D 243 1.68 30.70 -25.79
CA GLN D 243 1.01 30.40 -24.53
C GLN D 243 0.09 29.20 -24.64
N SER D 244 -0.10 28.74 -25.85
CA SER D 244 -0.85 27.53 -26.10
C SER D 244 0.02 26.31 -25.80
N THR D 245 1.31 26.47 -25.54
CA THR D 245 2.19 25.36 -25.26
C THR D 245 2.39 24.96 -23.84
N PHE D 246 1.62 25.53 -22.93
CA PHE D 246 1.66 25.17 -21.53
C PHE D 246 3.00 25.38 -20.90
N ASP D 247 3.64 24.33 -20.47
CA ASP D 247 4.93 24.45 -19.84
C ASP D 247 6.17 24.35 -20.71
N ASN D 248 6.02 24.26 -22.02
CA ASN D 248 7.16 24.15 -22.92
C ASN D 248 8.15 25.27 -22.93
N PRO D 249 7.73 26.49 -22.81
CA PRO D 249 8.70 27.55 -22.78
C PRO D 249 9.64 27.34 -21.61
N LEU D 250 9.11 26.99 -20.45
CA LEU D 250 9.89 26.73 -19.27
C LEU D 250 10.79 25.53 -19.41
N GLN D 251 10.37 24.55 -20.14
CA GLN D 251 11.27 23.42 -20.32
C GLN D 251 12.49 23.85 -21.13
N VAL D 252 12.25 24.62 -22.20
CA VAL D 252 13.31 25.12 -23.05
C VAL D 252 14.29 25.99 -22.26
N VAL D 253 13.77 26.93 -21.46
CA VAL D 253 14.68 27.84 -20.75
C VAL D 253 15.39 27.11 -19.61
N ALA D 254 14.84 26.00 -19.10
CA ALA D 254 15.54 25.19 -18.12
C ALA D 254 16.72 24.46 -18.74
N TYR D 255 16.57 24.04 -19.99
CA TYR D 255 17.68 23.39 -20.69
C TYR D 255 18.82 24.37 -20.93
N MET D 256 18.51 25.61 -21.28
CA MET D 256 19.54 26.58 -21.64
C MET D 256 20.45 26.88 -20.47
N GLY D 257 19.92 27.56 -19.46
CA GLY D 257 20.72 27.92 -18.30
C GLY D 257 21.49 26.74 -17.74
N ALA D 258 20.96 25.54 -17.90
CA ALA D 258 21.73 24.35 -17.58
C ALA D 258 22.91 24.19 -18.54
N MET D 259 22.67 24.40 -19.82
CA MET D 259 23.75 24.20 -20.78
C MET D 259 24.76 25.33 -20.71
N ASN D 260 24.29 26.56 -20.52
CA ASN D 260 25.25 27.65 -20.40
C ASN D 260 26.01 27.64 -19.07
N HIS D 261 25.93 26.65 -18.20
CA HIS D 261 26.85 26.60 -17.07
C HIS D 261 27.46 25.23 -16.86
N ASP D 262 26.96 24.21 -17.54
CA ASP D 262 27.56 22.88 -17.52
C ASP D 262 28.95 22.93 -18.16
N THR D 263 29.93 22.32 -17.48
CA THR D 263 31.34 22.34 -17.90
C THR D 263 31.60 21.57 -19.19
N ASN D 264 30.70 20.67 -19.60
CA ASN D 264 30.93 19.87 -20.81
C ASN D 264 30.62 20.61 -22.11
N TYR D 265 30.21 21.88 -22.04
CA TYR D 265 29.85 22.64 -23.23
C TYR D 265 30.78 23.82 -23.29
N SER D 266 31.49 23.98 -24.40
CA SER D 266 32.37 25.12 -24.53
C SER D 266 31.63 26.41 -24.87
N PHE D 267 30.40 26.31 -25.35
CA PHE D 267 29.62 27.41 -25.88
C PHE D 267 28.41 27.66 -25.03
N GLN D 268 27.79 28.81 -25.23
CA GLN D 268 26.52 29.11 -24.60
C GLN D 268 25.49 29.41 -25.69
N VAL D 269 24.23 29.44 -25.29
CA VAL D 269 23.11 29.68 -26.19
C VAL D 269 22.23 30.74 -25.56
N GLN D 270 21.59 31.57 -26.38
CA GLN D 270 20.75 32.61 -25.81
C GLN D 270 19.40 32.73 -26.52
N CYS D 271 18.98 31.73 -27.29
CA CYS D 271 17.63 31.72 -27.84
C CYS D 271 16.99 30.34 -27.66
N GLY D 272 15.66 30.31 -27.78
CA GLY D 272 14.92 29.07 -27.72
C GLY D 272 13.89 28.98 -28.84
N LEU D 273 13.47 27.74 -29.11
CA LEU D 273 12.51 27.48 -30.18
C LEU D 273 11.68 26.24 -29.86
N ILE D 274 10.37 26.42 -29.77
CA ILE D 274 9.40 25.33 -29.67
C ILE D 274 8.75 25.15 -31.03
N VAL D 275 8.85 23.96 -31.61
CA VAL D 275 8.14 23.67 -32.85
C VAL D 275 7.16 22.56 -32.54
N VAL D 276 5.88 22.83 -32.82
CA VAL D 276 4.76 21.96 -32.49
C VAL D 276 4.33 21.27 -33.77
N ALA D 277 4.47 19.95 -33.81
CA ALA D 277 4.16 19.18 -35.02
C ALA D 277 2.84 18.41 -34.88
N TYR D 278 2.10 18.33 -35.97
CA TYR D 278 0.76 17.75 -35.95
C TYR D 278 0.69 16.49 -36.79
N LYS D 279 -0.20 15.59 -36.37
CA LYS D 279 -0.26 14.27 -36.95
C LYS D 279 -0.89 14.26 -38.34
N ASP D 280 -1.72 15.26 -38.66
CA ASP D 280 -2.42 15.32 -39.95
C ASP D 280 -1.53 15.85 -41.08
N GLY D 281 -0.31 16.27 -40.78
CA GLY D 281 0.57 16.84 -41.78
C GLY D 281 0.44 18.34 -41.92
N SER D 282 -0.58 18.94 -41.34
CA SER D 282 -0.77 20.38 -41.42
C SER D 282 0.46 21.10 -40.86
N PRO D 283 0.74 22.31 -41.33
CA PRO D 283 2.00 22.98 -40.96
C PRO D 283 2.21 23.10 -39.45
N ALA D 284 3.46 22.95 -39.05
CA ALA D 284 3.86 23.03 -37.66
C ALA D 284 3.96 24.49 -37.24
N HIS D 285 3.79 24.76 -35.95
CA HIS D 285 3.89 26.12 -35.45
C HIS D 285 5.25 26.30 -34.82
N PRO D 286 6.13 27.11 -35.42
CA PRO D 286 7.39 27.49 -34.76
C PRO D 286 7.14 28.64 -33.78
N HIS D 287 7.53 28.45 -32.54
CA HIS D 287 7.52 29.54 -31.56
C HIS D 287 8.96 29.86 -31.18
N PHE D 288 9.49 30.97 -31.69
CA PHE D 288 10.88 31.37 -31.42
C PHE D 288 10.90 32.38 -30.27
N MET D 289 11.80 32.19 -29.32
CA MET D 289 11.83 33.02 -28.12
C MET D 289 13.21 33.68 -28.02
N ASP D 290 13.24 35.02 -28.01
CA ASP D 290 14.51 35.74 -27.99
C ASP D 290 15.08 35.86 -26.58
N ALA D 291 16.29 36.40 -26.48
CA ALA D 291 17.03 36.35 -25.22
C ALA D 291 16.23 36.94 -24.08
N GLU D 292 15.58 38.06 -24.33
CA GLU D 292 14.84 38.72 -23.26
C GLU D 292 13.65 37.87 -22.81
N LEU D 293 12.94 37.27 -23.77
CA LEU D 293 11.80 36.47 -23.36
C LEU D 293 12.23 35.14 -22.76
N CYS D 294 13.43 34.65 -23.10
CA CYS D 294 13.96 33.49 -22.40
C CYS D 294 14.34 33.87 -20.98
N SER D 295 14.81 35.11 -20.78
CA SER D 295 15.07 35.54 -19.41
C SER D 295 13.78 35.63 -18.62
N GLN D 296 12.71 36.11 -19.27
CA GLN D 296 11.45 36.22 -18.55
C GLN D 296 10.86 34.86 -18.24
N TYR D 297 10.98 33.90 -19.15
CA TYR D 297 10.54 32.57 -18.78
C TYR D 297 11.45 31.95 -17.74
N TRP D 298 12.76 32.23 -17.82
CA TRP D 298 13.71 31.62 -16.90
C TRP D 298 13.41 31.97 -15.45
N THR D 299 12.93 33.19 -15.23
CA THR D 299 12.55 33.60 -13.88
C THR D 299 11.42 32.73 -13.36
N LYS D 300 10.43 32.47 -14.21
CA LYS D 300 9.31 31.68 -13.74
C LYS D 300 9.74 30.26 -13.44
N TRP D 301 10.78 29.78 -14.12
CA TRP D 301 11.26 28.42 -13.90
C TRP D 301 12.03 28.33 -12.59
N LEU D 302 12.69 29.41 -12.16
CA LEU D 302 13.29 29.42 -10.83
C LEU D 302 12.24 29.39 -9.73
N LEU D 303 11.05 29.96 -9.98
CA LEU D 303 9.96 29.83 -9.02
C LEU D 303 9.46 28.39 -8.94
N ARG D 304 9.34 27.72 -10.09
CA ARG D 304 8.84 26.36 -10.07
C ARG D 304 9.89 25.42 -9.54
N LEU D 305 11.16 25.85 -9.60
CA LEU D 305 12.24 25.12 -8.96
C LEU D 305 12.24 25.33 -7.45
N GLU D 306 11.73 26.49 -6.96
CA GLU D 306 11.67 26.72 -5.52
C GLU D 306 10.48 26.00 -4.87
N GLU D 307 9.32 25.96 -5.53
CA GLU D 307 8.20 25.20 -4.97
C GLU D 307 8.60 23.74 -4.78
N TYR D 308 9.33 23.18 -5.74
CA TYR D 308 9.75 21.80 -5.65
C TYR D 308 10.72 21.57 -4.51
N THR D 309 11.81 22.35 -4.45
CA THR D 309 12.77 22.16 -3.36
C THR D 309 12.10 22.44 -2.02
N GLU D 310 11.28 23.50 -1.94
CA GLU D 310 10.49 23.76 -0.75
C GLU D 310 9.63 22.53 -0.39
N LYS D 311 8.86 22.03 -1.35
CA LYS D 311 7.98 20.90 -1.08
C LYS D 311 8.76 19.69 -0.56
N LYS D 312 9.99 19.52 -1.03
CA LYS D 312 10.82 18.36 -0.69
C LYS D 312 11.33 18.39 0.75
N LYS D 313 10.50 18.80 1.71
CA LYS D 313 10.83 18.67 3.15
C LYS D 313 9.60 18.22 3.94
#